data_7KZ4
#
_entry.id   7KZ4
#
_cell.length_a   51.914
_cell.length_b   157.990
_cell.length_c   63.152
_cell.angle_alpha   90.000
_cell.angle_beta   107.012
_cell.angle_gamma   90.000
#
_symmetry.space_group_name_H-M   'P 1 21 1'
#
loop_
_entity.id
_entity.type
_entity.pdbx_description
1 polymer 'Dihydroorotate dehydrogenase (quinone), mitochondrial'
2 non-polymer 3-methyl-N-[(1R)-1-(1H-1,2,4-triazol-3-yl)ethyl]-4-{1-[6-(trifluoromethyl)pyridin-3-yl]cyclopropyl}-1H-pyrrole-2-carboxamide
3 non-polymer 'FLAVIN MONONUCLEOTIDE'
4 non-polymer 'OROTIC ACID'
5 non-polymer 'MAGNESIUM ION'
6 water water
#
_entity_poly.entity_id   1
_entity_poly.type   'polypeptide(L)'
_entity_poly.pdbx_seq_one_letter_code
;MGHHHHHHAENLYFQGADPFESYNPEFFLYDIFLKFCLKYIDGEICHDLFLLLGKYNILPYDTSNDSIYACTNIKHLDFI
NPFGVAAGFDKNGVCIDSILKLGFSFIEIGTITPRGQTGNAKPRIFRDVESRSIINSCGFNNMGCDKVTENLILFRKRQE
EDKLLSKHIVGVSIGKNKDTVNIVDDLKYCINKIGRYADYIAINVSSPNTPGLRDNQEAGKLKNIILSVKEEIDNLEKNN
IMNDEFLWFNTTKKKPLVFVKLAPDLNQEQKKEIADVLLETNIDGMIISNTTTQINDIKSFENKKGGVSGAKLKDISTKF
ICEMYNYTNKQIPIIASGGIFSGLDALEKIEAGASVCQLYSCLVFNGMKSAVQIKRELNHLLYQRGYYNLKEAIGRKHSK
S
;
_entity_poly.pdbx_strand_id   A,B
#
loop_
_chem_comp.id
_chem_comp.type
_chem_comp.name
_chem_comp.formula
FMN non-polymer 'FLAVIN MONONUCLEOTIDE' 'C17 H21 N4 O9 P'
MG non-polymer 'MAGNESIUM ION' 'Mg 2'
ORO non-polymer 'OROTIC ACID' 'C5 H4 N2 O4'
XC7 non-polymer 3-methyl-N-[(1R)-1-(1H-1,2,4-triazol-3-yl)ethyl]-4-{1-[6-(trifluoromethyl)pyridin-3-yl]cyclopropyl}-1H-pyrrole-2-carboxamide 'C19 H19 F3 N6 O'
#
# COMPACT_ATOMS: atom_id res chain seq x y z
N GLU A 21 -33.77 28.37 -5.50
CA GLU A 21 -32.68 29.29 -5.20
C GLU A 21 -31.45 28.53 -4.71
N SER A 22 -31.59 27.84 -3.57
CA SER A 22 -30.44 27.21 -2.93
C SER A 22 -29.77 26.17 -3.84
N TYR A 23 -30.57 25.48 -4.64
CA TYR A 23 -30.07 24.42 -5.53
C TYR A 23 -29.24 24.97 -6.68
N ASN A 24 -29.26 26.28 -6.92
CA ASN A 24 -28.71 26.84 -8.16
C ASN A 24 -27.22 27.08 -7.97
N PRO A 25 -26.36 26.50 -8.81
CA PRO A 25 -24.92 26.70 -8.61
C PRO A 25 -24.48 28.15 -8.58
N GLU A 26 -25.29 29.08 -9.11
CA GLU A 26 -24.92 30.48 -9.15
C GLU A 26 -25.55 31.27 -8.00
N PHE A 27 -26.31 30.60 -7.12
CA PHE A 27 -26.84 31.23 -5.93
C PHE A 27 -25.79 32.08 -5.24
N PHE A 28 -26.15 33.31 -4.89
CA PHE A 28 -25.15 34.33 -4.61
C PHE A 28 -24.29 33.98 -3.39
N LEU A 29 -24.83 33.21 -2.45
CA LEU A 29 -24.06 32.90 -1.25
C LEU A 29 -22.82 32.04 -1.54
N TYR A 30 -22.81 31.24 -2.62
CA TYR A 30 -21.66 30.37 -2.80
C TYR A 30 -20.39 31.19 -3.01
N ASP A 31 -20.47 32.28 -3.80
CA ASP A 31 -19.27 33.08 -4.06
C ASP A 31 -18.78 33.74 -2.79
N ILE A 32 -19.71 34.13 -1.93
CA ILE A 32 -19.35 34.77 -0.66
C ILE A 32 -18.62 33.78 0.22
N PHE A 33 -19.16 32.57 0.39
CA PHE A 33 -18.48 31.55 1.17
C PHE A 33 -17.12 31.23 0.55
N LEU A 34 -17.05 31.13 -0.78
CA LEU A 34 -15.80 30.75 -1.42
C LEU A 34 -14.71 31.80 -1.20
N LYS A 35 -15.04 33.08 -1.33
CA LYS A 35 -14.02 34.09 -1.09
C LYS A 35 -13.49 34.00 0.34
N PHE A 36 -14.38 33.71 1.29
CA PHE A 36 -13.97 33.58 2.68
C PHE A 36 -13.07 32.37 2.86
N CYS A 37 -13.46 31.24 2.26
CA CYS A 37 -12.65 30.02 2.35
C CYS A 37 -11.25 30.24 1.79
N LEU A 38 -11.16 30.82 0.60
CA LEU A 38 -9.87 30.97 -0.04
C LEU A 38 -8.93 31.87 0.77
N LYS A 39 -9.49 32.75 1.60
CA LYS A 39 -8.67 33.68 2.36
C LYS A 39 -8.26 33.11 3.71
N TYR A 40 -9.14 32.38 4.39
CA TYR A 40 -8.93 32.08 5.79
C TYR A 40 -8.80 30.62 6.12
N ILE A 41 -9.08 29.70 5.19
CA ILE A 41 -9.23 28.30 5.54
C ILE A 41 -8.30 27.46 4.68
N ASP A 42 -7.58 26.54 5.34
CA ASP A 42 -6.63 25.65 4.69
C ASP A 42 -7.25 24.93 3.50
N GLY A 43 -6.43 24.71 2.47
CA GLY A 43 -6.93 24.16 1.22
C GLY A 43 -7.54 22.78 1.38
N GLU A 44 -6.86 21.88 2.10
CA GLU A 44 -7.38 20.53 2.24
C GLU A 44 -8.64 20.49 3.08
N ILE A 45 -8.79 21.41 4.03
CA ILE A 45 -10.03 21.50 4.80
C ILE A 45 -11.18 21.95 3.90
N CYS A 46 -10.94 22.93 3.04
CA CYS A 46 -11.95 23.33 2.07
C CYS A 46 -12.38 22.15 1.21
N HIS A 47 -11.42 21.34 0.77
CA HIS A 47 -11.73 20.22 -0.12
C HIS A 47 -12.54 19.17 0.63
N ASP A 48 -12.18 18.90 1.89
CA ASP A 48 -12.90 17.90 2.66
C ASP A 48 -14.32 18.34 2.91
N LEU A 49 -14.53 19.63 3.14
CA LEU A 49 -15.90 20.13 3.32
CA LEU A 49 -15.89 20.11 3.32
C LEU A 49 -16.68 20.02 2.02
N PHE A 50 -16.07 20.38 0.89
CA PHE A 50 -16.71 20.13 -0.39
C PHE A 50 -17.15 18.68 -0.53
N LEU A 51 -16.26 17.74 -0.17
CA LEU A 51 -16.58 16.33 -0.31
C LEU A 51 -17.70 15.92 0.62
N LEU A 52 -17.74 16.49 1.82
CA LEU A 52 -18.80 16.16 2.77
C LEU A 52 -20.16 16.64 2.29
N LEU A 53 -20.21 17.87 1.76
CA LEU A 53 -21.45 18.31 1.11
C LEU A 53 -21.87 17.35 0.01
N GLY A 54 -20.90 16.88 -0.79
CA GLY A 54 -21.22 15.97 -1.87
C GLY A 54 -21.70 14.62 -1.37
N LYS A 55 -21.07 14.12 -0.28
CA LYS A 55 -21.45 12.84 0.31
C LYS A 55 -22.90 12.86 0.77
N TYR A 56 -23.37 13.98 1.35
CA TYR A 56 -24.74 14.11 1.83
C TYR A 56 -25.64 14.79 0.83
N ASN A 57 -25.22 14.87 -0.42
CA ASN A 57 -26.10 15.22 -1.54
C ASN A 57 -26.75 16.58 -1.32
N ILE A 58 -25.97 17.54 -0.81
CA ILE A 58 -26.48 18.88 -0.58
C ILE A 58 -25.70 19.93 -1.37
N LEU A 59 -24.88 19.51 -2.33
CA LEU A 59 -24.32 20.45 -3.29
C LEU A 59 -25.41 20.93 -4.26
N PRO A 60 -25.30 22.15 -4.77
CA PRO A 60 -26.23 22.58 -5.82
C PRO A 60 -26.02 21.75 -7.08
N TYR A 61 -26.95 21.90 -8.02
CA TYR A 61 -26.91 21.14 -9.25
C TYR A 61 -27.49 21.96 -10.39
N ASP A 62 -26.99 21.68 -11.59
CA ASP A 62 -27.33 22.38 -12.82
C ASP A 62 -28.51 21.67 -13.47
N THR A 63 -29.58 22.42 -13.69
CA THR A 63 -30.82 21.89 -14.23
C THR A 63 -31.01 22.26 -15.71
N SER A 64 -29.90 22.33 -16.46
CA SER A 64 -29.94 22.70 -17.86
C SER A 64 -29.75 21.47 -18.73
N ASN A 65 -30.49 21.43 -19.83
CA ASN A 65 -30.15 20.54 -20.93
C ASN A 65 -29.02 21.19 -21.71
N ASP A 66 -27.96 20.43 -21.97
CA ASP A 66 -26.80 21.00 -22.61
C ASP A 66 -27.04 21.11 -24.12
N SER A 67 -26.34 22.06 -24.74
CA SER A 67 -26.50 22.28 -26.17
C SER A 67 -25.94 21.10 -26.96
N ILE A 68 -26.72 20.64 -27.95
CA ILE A 68 -26.20 19.54 -28.76
C ILE A 68 -25.07 20.00 -29.64
N TYR A 69 -24.93 21.32 -29.87
CA TYR A 69 -23.85 21.79 -30.72
C TYR A 69 -22.51 21.90 -29.99
N ALA A 70 -22.46 21.57 -28.70
CA ALA A 70 -21.23 21.53 -27.94
C ALA A 70 -20.91 20.12 -27.46
N CYS A 71 -21.61 19.11 -27.95
CA CYS A 71 -21.25 17.73 -27.67
CA CYS A 71 -21.23 17.75 -27.62
C CYS A 71 -19.92 17.40 -28.34
N THR A 72 -19.31 16.31 -27.91
CA THR A 72 -18.02 15.91 -28.48
C THR A 72 -17.84 14.44 -28.19
N ASN A 73 -16.88 13.84 -28.88
CA ASN A 73 -16.60 12.41 -28.69
C ASN A 73 -15.12 12.13 -28.80
N ILE A 74 -14.71 11.06 -28.11
CA ILE A 74 -13.44 10.37 -28.36
C ILE A 74 -13.80 8.92 -28.63
N LYS A 75 -13.54 8.45 -29.86
CA LYS A 75 -13.97 7.11 -30.26
C LYS A 75 -15.46 7.00 -29.94
N HIS A 76 -15.92 5.93 -29.31
CA HIS A 76 -17.32 5.74 -28.97
C HIS A 76 -17.73 6.48 -27.70
N LEU A 77 -16.82 7.16 -27.02
CA LEU A 77 -17.19 7.96 -25.85
C LEU A 77 -17.91 9.21 -26.31
N ASP A 78 -19.21 9.31 -25.99
CA ASP A 78 -20.05 10.43 -26.41
C ASP A 78 -20.26 11.36 -25.22
N PHE A 79 -19.49 12.45 -25.17
CA PHE A 79 -19.58 13.40 -24.06
C PHE A 79 -20.77 14.34 -24.30
N ILE A 80 -21.62 14.50 -23.28
CA ILE A 80 -22.79 15.38 -23.48
C ILE A 80 -22.40 16.86 -23.52
N ASN A 81 -21.25 17.19 -22.97
CA ASN A 81 -20.67 18.53 -23.07
C ASN A 81 -19.18 18.35 -22.93
N PRO A 82 -18.38 19.38 -23.20
CA PRO A 82 -16.93 19.16 -23.28
C PRO A 82 -16.14 19.32 -21.99
N PHE A 83 -16.77 19.39 -20.83
CA PHE A 83 -16.13 19.73 -19.57
C PHE A 83 -16.27 18.60 -18.56
N GLY A 84 -15.13 18.03 -18.17
CA GLY A 84 -15.08 17.10 -17.07
C GLY A 84 -14.20 17.60 -15.93
N VAL A 85 -14.22 16.83 -14.86
CA VAL A 85 -13.38 17.11 -13.70
C VAL A 85 -12.16 16.18 -13.76
N ALA A 86 -10.98 16.80 -13.64
CA ALA A 86 -9.68 16.16 -13.73
C ALA A 86 -9.42 15.19 -12.59
N ALA A 87 -8.47 14.28 -12.82
CA ALA A 87 -8.09 13.36 -11.79
C ALA A 87 -7.54 14.10 -10.58
N GLY A 88 -7.65 13.46 -9.42
CA GLY A 88 -7.18 14.02 -8.17
C GLY A 88 -8.22 14.80 -7.39
N PHE A 89 -9.29 15.25 -8.03
CA PHE A 89 -10.32 16.01 -7.33
C PHE A 89 -11.15 15.09 -6.44
N ASP A 90 -11.61 13.97 -7.00
CA ASP A 90 -12.27 12.89 -6.24
C ASP A 90 -11.40 11.63 -6.33
N LYS A 91 -10.38 11.57 -5.50
CA LYS A 91 -9.41 10.49 -5.56
C LYS A 91 -10.06 9.13 -5.27
N ASN A 92 -11.05 9.07 -4.39
CA ASN A 92 -11.65 7.82 -3.97
C ASN A 92 -13.03 7.53 -4.55
N GLY A 93 -13.54 8.36 -5.44
CA GLY A 93 -14.84 8.13 -6.02
C GLY A 93 -15.99 8.17 -5.04
N VAL A 94 -15.94 9.11 -4.08
CA VAL A 94 -16.95 9.19 -3.05
C VAL A 94 -17.95 10.31 -3.31
N CYS A 95 -17.77 11.05 -4.40
CA CYS A 95 -18.52 12.28 -4.67
C CYS A 95 -18.91 12.34 -6.14
N ILE A 96 -19.01 11.18 -6.80
CA ILE A 96 -19.17 11.19 -8.24
C ILE A 96 -20.47 11.86 -8.64
N ASP A 97 -21.59 11.38 -8.10
CA ASP A 97 -22.90 11.87 -8.54
C ASP A 97 -23.00 13.38 -8.39
N SER A 98 -22.63 13.89 -7.22
CA SER A 98 -22.82 15.29 -6.94
C SER A 98 -21.89 16.16 -7.75
N ILE A 99 -20.66 15.73 -8.01
CA ILE A 99 -19.77 16.53 -8.85
C ILE A 99 -20.32 16.59 -10.28
N LEU A 100 -20.71 15.44 -10.84
CA LEU A 100 -21.30 15.44 -12.18
C LEU A 100 -22.50 16.38 -12.26
N LYS A 101 -23.38 16.33 -11.25
CA LYS A 101 -24.61 17.11 -11.31
C LYS A 101 -24.39 18.60 -11.19
N LEU A 102 -23.16 19.05 -10.91
CA LEU A 102 -22.84 20.45 -11.09
C LEU A 102 -22.88 20.89 -12.56
N GLY A 103 -22.85 19.94 -13.49
CA GLY A 103 -22.96 20.28 -14.90
C GLY A 103 -21.84 19.70 -15.76
N PHE A 104 -21.00 18.85 -15.19
CA PHE A 104 -19.91 18.23 -15.90
C PHE A 104 -20.39 16.97 -16.62
N SER A 105 -19.78 16.68 -17.75
CA SER A 105 -20.13 15.51 -18.54
C SER A 105 -19.38 14.26 -18.13
N PHE A 106 -18.22 14.39 -17.46
CA PHE A 106 -17.47 13.22 -17.02
C PHE A 106 -16.58 13.60 -15.86
N ILE A 107 -16.02 12.59 -15.21
CA ILE A 107 -15.07 12.77 -14.14
C ILE A 107 -14.07 11.62 -14.24
N GLU A 108 -12.80 11.94 -13.96
CA GLU A 108 -11.72 10.96 -13.83
C GLU A 108 -11.43 10.80 -12.34
N ILE A 109 -11.80 9.66 -11.78
CA ILE A 109 -11.52 9.41 -10.36
C ILE A 109 -10.11 8.82 -10.25
N GLY A 110 -9.58 8.78 -9.05
CA GLY A 110 -8.18 8.43 -8.87
C GLY A 110 -7.35 9.70 -8.77
N THR A 111 -6.03 9.55 -8.86
CA THR A 111 -5.36 8.29 -9.19
C THR A 111 -5.39 7.30 -8.04
N ILE A 112 -5.66 6.05 -8.38
CA ILE A 112 -5.71 4.97 -7.41
C ILE A 112 -4.45 4.12 -7.58
N THR A 113 -4.08 3.48 -6.49
CA THR A 113 -3.03 2.51 -6.41
C THR A 113 -3.58 1.21 -5.80
N PRO A 114 -2.86 0.08 -6.01
CA PRO A 114 -3.42 -1.18 -5.49
C PRO A 114 -3.69 -1.16 -4.00
N ARG A 115 -2.71 -0.76 -3.20
CA ARG A 115 -2.88 -0.58 -1.77
C ARG A 115 -3.19 0.89 -1.46
N GLY A 116 -3.93 1.14 -0.39
CA GLY A 116 -4.16 2.51 0.03
C GLY A 116 -2.87 3.20 0.44
N GLN A 117 -2.92 4.54 0.50
CA GLN A 117 -1.78 5.37 0.88
C GLN A 117 -2.29 6.67 1.48
N THR A 118 -1.67 7.10 2.59
CA THR A 118 -2.09 8.38 3.16
C THR A 118 -1.38 9.55 2.48
N GLY A 119 -0.29 9.28 1.79
CA GLY A 119 0.40 10.31 1.03
C GLY A 119 1.47 10.98 1.84
N ASN A 120 2.02 12.06 1.28
CA ASN A 120 3.08 12.79 1.93
C ASN A 120 2.54 13.60 3.11
N ALA A 121 3.47 14.16 3.87
CA ALA A 121 3.09 14.86 5.10
C ALA A 121 2.41 16.19 4.77
N LYS A 122 1.41 16.56 5.62
CA LYS A 122 0.70 17.83 5.53
C LYS A 122 1.45 18.90 6.31
N PRO A 123 1.31 20.19 5.95
CA PRO A 123 0.57 20.72 4.79
C PRO A 123 1.26 20.41 3.48
N ARG A 124 0.47 20.13 2.46
CA ARG A 124 1.02 19.69 1.19
C ARG A 124 0.27 20.29 0.02
N ILE A 125 -0.65 21.21 0.29
CA ILE A 125 -1.47 21.84 -0.74
C ILE A 125 -1.58 23.31 -0.40
N PHE A 126 -1.26 24.19 -1.36
CA PHE A 126 -1.25 25.63 -1.17
C PHE A 126 -1.82 26.33 -2.39
N ARG A 127 -2.68 27.31 -2.16
CA ARG A 127 -3.32 28.08 -3.21
C ARG A 127 -2.77 29.51 -3.21
N ASP A 128 -2.73 30.11 -4.40
CA ASP A 128 -2.39 31.52 -4.56
C ASP A 128 -3.51 32.17 -5.38
N VAL A 129 -4.43 32.83 -4.69
CA VAL A 129 -5.63 33.35 -5.35
C VAL A 129 -5.25 34.37 -6.42
N GLU A 130 -4.25 35.22 -6.13
CA GLU A 130 -3.89 36.28 -7.06
C GLU A 130 -3.59 35.72 -8.44
N SER A 131 -2.77 34.68 -8.50
CA SER A 131 -2.39 34.08 -9.78
C SER A 131 -3.28 32.91 -10.17
N ARG A 132 -4.29 32.59 -9.37
CA ARG A 132 -5.15 31.42 -9.60
C ARG A 132 -4.30 30.17 -9.83
N SER A 133 -3.41 29.91 -8.89
CA SER A 133 -2.46 28.82 -9.00
C SER A 133 -2.51 27.96 -7.74
N ILE A 134 -2.14 26.70 -7.89
CA ILE A 134 -2.08 25.73 -6.81
C ILE A 134 -0.75 25.01 -6.93
N ILE A 135 -0.20 24.62 -5.79
CA ILE A 135 0.95 23.71 -5.76
C ILE A 135 0.63 22.58 -4.79
N ASN A 136 0.97 21.37 -5.18
CA ASN A 136 0.61 20.23 -4.35
C ASN A 136 1.72 19.19 -4.35
N SER A 137 1.94 18.60 -3.17
CA SER A 137 2.80 17.43 -3.01
CA SER A 137 2.80 17.44 -3.00
C SER A 137 2.01 16.33 -2.27
N CYS A 138 0.91 15.89 -2.89
CA CYS A 138 0.03 14.95 -2.20
C CYS A 138 0.63 13.55 -2.10
N GLY A 139 1.14 13.01 -3.22
CA GLY A 139 1.72 11.67 -3.21
C GLY A 139 0.74 10.51 -3.33
N PHE A 140 -0.29 10.64 -4.14
CA PHE A 140 -1.22 9.54 -4.40
C PHE A 140 -1.90 9.06 -3.11
N ASN A 141 -2.46 9.99 -2.33
CA ASN A 141 -3.30 9.61 -1.21
C ASN A 141 -4.60 9.04 -1.76
N ASN A 142 -4.93 7.81 -1.41
CA ASN A 142 -6.19 7.20 -1.82
C ASN A 142 -6.45 5.99 -0.94
N MET A 143 -7.68 5.52 -0.97
CA MET A 143 -8.04 4.39 -0.12
C MET A 143 -7.67 3.03 -0.70
N GLY A 144 -7.15 2.99 -1.90
CA GLY A 144 -6.69 1.74 -2.49
C GLY A 144 -7.73 1.20 -3.46
N CYS A 145 -7.24 0.45 -4.45
CA CYS A 145 -8.08 0.05 -5.57
C CYS A 145 -9.30 -0.73 -5.10
N ASP A 146 -9.14 -1.60 -4.13
CA ASP A 146 -10.26 -2.45 -3.70
C ASP A 146 -11.40 -1.60 -3.16
N LYS A 147 -11.08 -0.64 -2.31
CA LYS A 147 -12.11 0.19 -1.69
C LYS A 147 -12.73 1.16 -2.69
N VAL A 148 -11.92 1.75 -3.56
CA VAL A 148 -12.45 2.68 -4.55
C VAL A 148 -13.35 1.95 -5.53
N THR A 149 -13.01 0.70 -5.86
CA THR A 149 -13.86 -0.12 -6.73
C THR A 149 -15.24 -0.32 -6.11
N GLU A 150 -15.30 -0.55 -4.81
CA GLU A 150 -16.61 -0.62 -4.15
C GLU A 150 -17.34 0.71 -4.28
N ASN A 151 -16.63 1.85 -4.16
CA ASN A 151 -17.31 3.14 -4.27
C ASN A 151 -17.85 3.34 -5.69
N LEU A 152 -17.08 2.91 -6.69
CA LEU A 152 -17.54 3.07 -8.08
C LEU A 152 -18.70 2.14 -8.37
N ILE A 153 -18.66 0.93 -7.83
CA ILE A 153 -19.78 0.00 -7.99
C ILE A 153 -21.07 0.63 -7.47
N LEU A 154 -21.01 1.25 -6.29
CA LEU A 154 -22.17 1.93 -5.76
C LEU A 154 -22.69 2.98 -6.73
N PHE A 155 -21.81 3.79 -7.31
CA PHE A 155 -22.25 4.76 -8.30
C PHE A 155 -22.91 4.08 -9.49
N ARG A 156 -22.26 3.02 -10.01
CA ARG A 156 -22.79 2.37 -11.20
C ARG A 156 -24.18 1.78 -10.95
N LYS A 157 -24.47 1.35 -9.71
CA LYS A 157 -25.80 0.84 -9.39
C LYS A 157 -26.82 1.98 -9.29
N ARG A 158 -26.43 3.12 -8.71
CA ARG A 158 -27.32 4.28 -8.70
C ARG A 158 -27.59 4.76 -10.12
N GLN A 159 -26.56 4.74 -10.97
CA GLN A 159 -26.70 5.19 -12.35
C GLN A 159 -27.67 4.32 -13.12
N GLU A 160 -27.58 3.00 -12.94
CA GLU A 160 -28.48 2.06 -13.57
C GLU A 160 -29.93 2.38 -13.28
N GLU A 161 -30.22 3.09 -12.18
CA GLU A 161 -31.58 3.44 -11.80
C GLU A 161 -31.94 4.89 -12.04
N ASP A 162 -30.96 5.75 -12.33
CA ASP A 162 -31.20 7.17 -12.55
C ASP A 162 -30.89 7.49 -14.01
N LYS A 163 -31.94 7.72 -14.81
CA LYS A 163 -31.73 8.07 -16.21
C LYS A 163 -31.07 9.44 -16.36
N LEU A 164 -31.14 10.28 -15.32
CA LEU A 164 -30.45 11.57 -15.35
C LEU A 164 -28.94 11.41 -15.51
N LEU A 165 -28.38 10.27 -15.13
CA LEU A 165 -26.94 10.05 -15.15
C LEU A 165 -26.49 9.02 -16.19
N SER A 166 -27.41 8.50 -17.00
CA SER A 166 -27.12 7.35 -17.84
C SER A 166 -26.06 7.65 -18.91
N LYS A 167 -25.87 8.91 -19.29
CA LYS A 167 -24.92 9.25 -20.35
C LYS A 167 -23.65 9.87 -19.82
N HIS A 168 -23.54 10.08 -18.51
CA HIS A 168 -22.31 10.60 -17.93
C HIS A 168 -21.22 9.54 -17.91
N ILE A 169 -19.98 10.00 -18.02
CA ILE A 169 -18.82 9.13 -18.22
C ILE A 169 -17.91 9.18 -16.99
N VAL A 170 -17.37 8.03 -16.60
CA VAL A 170 -16.44 7.93 -15.46
C VAL A 170 -15.21 7.19 -15.92
N GLY A 171 -14.08 7.87 -15.94
CA GLY A 171 -12.79 7.25 -16.19
C GLY A 171 -12.11 7.00 -14.85
N VAL A 172 -11.12 6.14 -14.86
CA VAL A 172 -10.33 5.81 -13.66
C VAL A 172 -8.84 5.98 -13.97
N SER A 173 -8.18 6.83 -13.20
CA SER A 173 -6.75 7.02 -13.32
C SER A 173 -6.03 6.03 -12.40
N ILE A 174 -5.06 5.31 -12.96
CA ILE A 174 -4.35 4.26 -12.21
C ILE A 174 -2.87 4.56 -12.18
N GLY A 175 -2.24 4.23 -11.06
CA GLY A 175 -0.81 4.46 -10.89
C GLY A 175 -0.19 3.37 -10.03
N LYS A 176 0.98 3.62 -9.47
CA LYS A 176 1.66 2.60 -8.65
C LYS A 176 1.76 3.06 -7.20
N ASN A 177 1.85 2.08 -6.30
CA ASN A 177 2.22 2.40 -4.95
C ASN A 177 3.66 2.91 -4.92
N LYS A 178 3.94 3.75 -3.94
CA LYS A 178 5.26 4.38 -3.83
C LYS A 178 6.38 3.34 -3.85
N ASP A 179 6.21 2.25 -3.11
CA ASP A 179 7.30 1.28 -2.95
C ASP A 179 7.28 0.17 -3.98
N THR A 180 6.42 0.23 -4.98
CA THR A 180 6.38 -0.84 -5.96
C THR A 180 7.52 -0.72 -6.97
N VAL A 181 8.15 -1.85 -7.28
CA VAL A 181 9.31 -1.84 -8.17
C VAL A 181 8.88 -1.80 -9.64
N ASN A 182 7.98 -2.69 -10.04
CA ASN A 182 7.51 -2.80 -11.43
C ASN A 182 6.14 -2.17 -11.53
N ILE A 183 6.05 -1.02 -12.17
CA ILE A 183 4.77 -0.32 -12.27
C ILE A 183 3.71 -1.21 -12.90
N VAL A 184 4.09 -2.08 -13.85
CA VAL A 184 3.09 -2.82 -14.60
C VAL A 184 2.30 -3.75 -13.69
N ASP A 185 2.96 -4.35 -12.69
CA ASP A 185 2.21 -5.20 -11.77
C ASP A 185 1.06 -4.43 -11.12
N ASP A 186 1.31 -3.19 -10.71
CA ASP A 186 0.24 -2.39 -10.10
C ASP A 186 -0.80 -2.00 -11.12
N LEU A 187 -0.40 -1.68 -12.35
CA LEU A 187 -1.40 -1.30 -13.35
C LEU A 187 -2.33 -2.46 -13.65
N LYS A 188 -1.76 -3.68 -13.79
CA LYS A 188 -2.56 -4.88 -14.08
C LYS A 188 -3.50 -5.20 -12.92
N TYR A 189 -3.03 -5.05 -11.70
CA TYR A 189 -3.87 -5.26 -10.52
C TYR A 189 -5.12 -4.38 -10.59
N CYS A 190 -4.91 -3.10 -10.85
CA CYS A 190 -6.03 -2.16 -10.93
C CYS A 190 -6.98 -2.52 -12.06
N ILE A 191 -6.46 -2.92 -13.24
CA ILE A 191 -7.34 -3.24 -14.36
C ILE A 191 -8.21 -4.43 -14.01
N ASN A 192 -7.64 -5.45 -13.37
CA ASN A 192 -8.40 -6.66 -13.10
C ASN A 192 -9.46 -6.44 -12.04
N LYS A 193 -9.36 -5.39 -11.25
CA LYS A 193 -10.33 -5.14 -10.20
C LYS A 193 -11.37 -4.10 -10.61
N ILE A 194 -10.95 -2.95 -11.15
CA ILE A 194 -11.85 -1.84 -11.42
C ILE A 194 -12.13 -1.65 -12.92
N GLY A 195 -11.40 -2.33 -13.80
CA GLY A 195 -11.54 -2.06 -15.22
C GLY A 195 -12.95 -2.28 -15.79
N ARG A 196 -13.69 -3.26 -15.26
CA ARG A 196 -15.01 -3.53 -15.82
C ARG A 196 -16.04 -2.42 -15.54
N TYR A 197 -15.75 -1.52 -14.61
CA TYR A 197 -16.64 -0.43 -14.22
C TYR A 197 -16.21 0.90 -14.80
N ALA A 198 -15.11 0.94 -15.53
CA ALA A 198 -14.55 2.17 -16.06
C ALA A 198 -14.93 2.34 -17.53
N ASP A 199 -15.30 3.56 -17.91
CA ASP A 199 -15.44 3.89 -19.33
C ASP A 199 -14.10 4.13 -20.01
N TYR A 200 -13.12 4.63 -19.28
CA TYR A 200 -11.78 4.68 -19.79
C TYR A 200 -10.80 4.55 -18.64
N ILE A 201 -9.59 4.12 -18.97
CA ILE A 201 -8.50 4.01 -18.02
C ILE A 201 -7.45 5.05 -18.41
N ALA A 202 -7.01 5.85 -17.46
CA ALA A 202 -5.91 6.79 -17.67
C ALA A 202 -4.67 6.27 -16.95
N ILE A 203 -3.61 6.06 -17.69
CA ILE A 203 -2.35 5.61 -17.17
C ILE A 203 -1.57 6.83 -16.71
N ASN A 204 -1.30 6.90 -15.41
CA ASN A 204 -0.64 8.07 -14.83
C ASN A 204 0.86 7.80 -14.74
N VAL A 205 1.61 8.28 -15.72
CA VAL A 205 3.08 8.21 -15.68
C VAL A 205 3.68 9.60 -15.52
N SER A 206 2.91 10.54 -14.93
CA SER A 206 3.32 11.94 -14.93
C SER A 206 3.19 12.69 -13.61
N SER A 207 2.70 12.04 -12.54
CA SER A 207 2.75 12.72 -11.25
C SER A 207 4.18 13.13 -10.90
N PRO A 208 4.40 14.35 -10.39
CA PRO A 208 5.75 14.73 -9.95
C PRO A 208 6.07 14.32 -8.52
N ASN A 209 5.13 13.71 -7.80
CA ASN A 209 5.27 13.50 -6.36
C ASN A 209 5.43 12.03 -5.98
N THR A 210 5.70 11.17 -6.94
CA THR A 210 6.05 9.77 -6.67
C THR A 210 7.42 9.52 -7.28
N PRO A 211 8.48 9.41 -6.47
CA PRO A 211 9.82 9.26 -7.04
C PRO A 211 9.88 8.23 -8.17
N GLY A 212 10.53 8.62 -9.27
CA GLY A 212 10.77 7.74 -10.37
C GLY A 212 9.61 7.50 -11.31
N LEU A 213 8.40 7.96 -10.97
CA LEU A 213 7.25 7.65 -11.81
C LEU A 213 7.44 8.19 -13.23
N ARG A 214 7.94 9.43 -13.35
CA ARG A 214 8.00 10.08 -14.66
C ARG A 214 9.05 9.45 -15.57
N ASP A 215 9.98 8.68 -15.02
CA ASP A 215 10.91 7.93 -15.85
C ASP A 215 10.18 7.01 -16.83
N ASN A 216 8.98 6.57 -16.46
CA ASN A 216 8.19 5.69 -17.31
C ASN A 216 7.68 6.36 -18.57
N GLN A 217 7.98 7.64 -18.78
CA GLN A 217 7.65 8.31 -20.03
C GLN A 217 8.69 8.07 -21.12
N GLU A 218 9.86 7.51 -20.77
CA GLU A 218 10.79 7.06 -21.79
C GLU A 218 10.08 6.08 -22.73
N ALA A 219 10.41 6.19 -24.02
CA ALA A 219 9.64 5.50 -25.06
C ALA A 219 9.60 3.99 -24.86
N GLY A 220 10.75 3.38 -24.61
CA GLY A 220 10.79 1.93 -24.42
C GLY A 220 9.90 1.47 -23.29
N LYS A 221 10.05 2.10 -22.12
CA LYS A 221 9.21 1.75 -20.97
C LYS A 221 7.74 2.05 -21.24
N LEU A 222 7.46 3.22 -21.81
CA LEU A 222 6.07 3.60 -22.07
C LEU A 222 5.40 2.60 -23.01
N LYS A 223 6.12 2.16 -24.05
CA LYS A 223 5.55 1.22 -25.00
C LYS A 223 5.11 -0.08 -24.31
N ASN A 224 6.00 -0.65 -23.49
CA ASN A 224 5.67 -1.87 -22.75
C ASN A 224 4.50 -1.65 -21.79
N ILE A 225 4.48 -0.50 -21.10
CA ILE A 225 3.35 -0.18 -20.22
C ILE A 225 2.03 -0.18 -21.01
N ILE A 226 2.00 0.52 -22.15
CA ILE A 226 0.76 0.65 -22.89
C ILE A 226 0.31 -0.72 -23.39
N LEU A 227 1.24 -1.50 -23.95
CA LEU A 227 0.85 -2.80 -24.51
C LEU A 227 0.39 -3.75 -23.40
N SER A 228 1.03 -3.67 -22.23
CA SER A 228 0.64 -4.51 -21.10
C SER A 228 -0.75 -4.17 -20.61
N VAL A 229 -1.06 -2.87 -20.49
CA VAL A 229 -2.39 -2.46 -20.06
C VAL A 229 -3.43 -2.90 -21.10
N LYS A 230 -3.16 -2.63 -22.38
CA LYS A 230 -4.13 -3.04 -23.39
C LYS A 230 -4.34 -4.54 -23.38
N GLU A 231 -3.28 -5.32 -23.17
CA GLU A 231 -3.41 -6.77 -23.12
C GLU A 231 -4.20 -7.25 -21.92
N GLU A 232 -4.00 -6.60 -20.76
CA GLU A 232 -4.77 -6.97 -19.58
C GLU A 232 -6.27 -6.69 -19.78
N ILE A 233 -6.61 -5.57 -20.40
CA ILE A 233 -8.00 -5.27 -20.69
C ILE A 233 -8.56 -6.28 -21.69
N ASP A 234 -7.77 -6.63 -22.70
CA ASP A 234 -8.25 -7.60 -23.68
C ASP A 234 -8.47 -8.97 -23.04
N ASN A 235 -7.59 -9.36 -22.08
CA ASN A 235 -7.76 -10.63 -21.39
C ASN A 235 -9.00 -10.61 -20.49
N LEU A 236 -9.28 -9.46 -19.86
CA LEU A 236 -10.50 -9.30 -19.09
C LEU A 236 -11.71 -9.63 -19.95
N GLU A 237 -11.73 -9.13 -21.17
CA GLU A 237 -12.87 -9.40 -22.06
C GLU A 237 -12.94 -10.88 -22.43
N LYS A 238 -11.80 -11.47 -22.81
CA LYS A 238 -11.77 -12.85 -23.26
C LYS A 238 -12.31 -13.80 -22.21
N ASN A 239 -11.87 -13.63 -20.96
CA ASN A 239 -12.15 -14.63 -19.93
C ASN A 239 -13.54 -14.50 -19.33
N ASN A 240 -14.30 -13.45 -19.67
CA ASN A 240 -15.62 -13.23 -19.08
C ASN A 240 -16.71 -12.97 -20.11
N ILE A 241 -16.49 -13.31 -21.38
CA ILE A 241 -17.42 -12.87 -22.41
C ILE A 241 -18.73 -13.65 -22.34
N MET A 242 -18.71 -14.92 -21.93
CA MET A 242 -19.95 -15.69 -21.82
C MET A 242 -20.43 -15.84 -20.37
N ASN A 243 -19.90 -15.03 -19.46
CA ASN A 243 -20.46 -14.95 -18.12
C ASN A 243 -21.94 -14.58 -18.17
N ASP A 244 -22.68 -15.04 -17.17
CA ASP A 244 -24.09 -14.70 -17.05
C ASP A 244 -24.28 -13.19 -16.88
N GLU A 245 -23.47 -12.59 -16.00
CA GLU A 245 -23.51 -11.15 -15.77
C GLU A 245 -22.66 -10.43 -16.82
N PHE A 246 -23.23 -9.41 -17.47
CA PHE A 246 -22.49 -8.71 -18.50
C PHE A 246 -21.24 -8.04 -17.92
N LEU A 247 -20.13 -8.15 -18.63
CA LEU A 247 -18.86 -7.74 -18.03
C LEU A 247 -18.78 -6.23 -17.84
N TRP A 248 -19.23 -5.46 -18.83
CA TRP A 248 -18.98 -4.00 -18.82
C TRP A 248 -20.11 -3.30 -18.10
N PHE A 249 -19.93 -3.09 -16.80
CA PHE A 249 -20.89 -2.38 -15.97
C PHE A 249 -20.48 -0.91 -15.88
N ASN A 250 -20.55 -0.25 -17.04
CA ASN A 250 -20.09 1.14 -17.17
C ASN A 250 -21.08 1.89 -18.05
N THR A 251 -20.68 3.07 -18.57
CA THR A 251 -21.63 3.84 -19.39
C THR A 251 -21.67 3.36 -20.82
N THR A 252 -20.51 3.03 -21.37
CA THR A 252 -20.40 2.66 -22.78
C THR A 252 -20.89 1.25 -23.07
N LYS A 253 -20.89 0.37 -22.07
CA LYS A 253 -21.15 -1.06 -22.25
C LYS A 253 -20.09 -1.71 -23.16
N LYS A 254 -18.90 -1.11 -23.19
CA LYS A 254 -17.76 -1.58 -23.96
C LYS A 254 -16.53 -1.59 -23.08
N LYS A 255 -15.49 -2.29 -23.55
CA LYS A 255 -14.24 -2.32 -22.79
C LYS A 255 -13.70 -0.89 -22.68
N PRO A 256 -13.08 -0.53 -21.55
CA PRO A 256 -12.58 0.84 -21.40
C PRO A 256 -11.52 1.18 -22.44
N LEU A 257 -11.57 2.42 -22.92
CA LEU A 257 -10.50 3.01 -23.70
C LEU A 257 -9.29 3.26 -22.81
N VAL A 258 -8.13 3.42 -23.43
CA VAL A 258 -6.88 3.62 -22.71
C VAL A 258 -6.29 4.96 -23.09
N PHE A 259 -6.08 5.81 -22.10
CA PHE A 259 -5.45 7.11 -22.27
C PHE A 259 -4.13 7.14 -21.49
N VAL A 260 -3.18 7.97 -21.93
CA VAL A 260 -1.99 8.25 -21.12
C VAL A 260 -2.00 9.72 -20.73
N LYS A 261 -1.63 10.00 -19.51
CA LYS A 261 -1.53 11.38 -19.02
C LYS A 261 -0.05 11.74 -18.99
N LEU A 262 0.30 12.81 -19.67
CA LEU A 262 1.71 13.19 -19.82
C LEU A 262 2.07 14.42 -19.00
N ALA A 263 3.30 14.46 -18.61
CA ALA A 263 3.90 15.58 -17.90
C ALA A 263 4.35 16.65 -18.89
N PRO A 264 4.17 17.93 -18.57
CA PRO A 264 4.63 19.00 -19.45
C PRO A 264 6.14 19.25 -19.38
N ASP A 265 6.86 18.56 -18.50
CA ASP A 265 8.29 18.83 -18.28
C ASP A 265 9.12 17.79 -19.02
N LEU A 266 9.08 17.90 -20.33
CA LEU A 266 9.76 16.99 -21.24
C LEU A 266 10.44 17.85 -22.29
N ASN A 267 11.51 17.33 -22.88
CA ASN A 267 12.14 18.04 -23.99
C ASN A 267 11.52 17.58 -25.30
N GLN A 268 11.88 18.26 -26.38
CA GLN A 268 11.25 18.00 -27.67
C GLN A 268 11.56 16.60 -28.19
N GLU A 269 12.75 16.09 -27.89
CA GLU A 269 13.09 14.73 -28.30
C GLU A 269 12.24 13.70 -27.56
N GLN A 270 11.98 13.92 -26.27
CA GLN A 270 11.13 12.99 -25.54
C GLN A 270 9.70 13.03 -26.06
N LYS A 271 9.19 14.22 -26.37
CA LYS A 271 7.84 14.36 -26.89
C LYS A 271 7.68 13.62 -28.21
N LYS A 272 8.66 13.79 -29.09
CA LYS A 272 8.65 13.11 -30.39
C LYS A 272 8.68 11.60 -30.22
N GLU A 273 9.58 11.10 -29.36
CA GLU A 273 9.68 9.66 -29.15
C GLU A 273 8.40 9.10 -28.53
N ILE A 274 7.78 9.88 -27.62
CA ILE A 274 6.50 9.44 -27.05
C ILE A 274 5.44 9.36 -28.14
N ALA A 275 5.37 10.37 -28.99
CA ALA A 275 4.35 10.39 -30.03
C ALA A 275 4.50 9.17 -30.95
N ASP A 276 5.73 8.84 -31.32
CA ASP A 276 5.96 7.64 -32.13
C ASP A 276 5.39 6.39 -31.45
N VAL A 277 5.58 6.25 -30.12
CA VAL A 277 5.04 5.11 -29.40
C VAL A 277 3.53 5.14 -29.39
N LEU A 278 2.93 6.31 -29.17
CA LEU A 278 1.49 6.40 -29.15
C LEU A 278 0.88 5.99 -30.47
N LEU A 279 1.54 6.35 -31.58
CA LEU A 279 1.07 5.94 -32.90
C LEU A 279 1.17 4.42 -33.08
N GLU A 280 2.28 3.83 -32.68
CA GLU A 280 2.49 2.39 -32.91
C GLU A 280 1.58 1.54 -32.01
N THR A 281 1.36 1.96 -30.76
CA THR A 281 0.54 1.19 -29.82
C THR A 281 -0.95 1.43 -29.95
N ASN A 282 -1.39 2.40 -30.78
CA ASN A 282 -2.81 2.70 -30.94
C ASN A 282 -3.48 3.08 -29.61
N ILE A 283 -2.82 3.95 -28.86
CA ILE A 283 -3.49 4.50 -27.67
C ILE A 283 -4.76 5.23 -28.12
N ASP A 284 -5.77 5.24 -27.25
CA ASP A 284 -7.05 5.86 -27.61
C ASP A 284 -7.07 7.36 -27.40
N GLY A 285 -6.15 7.92 -26.60
CA GLY A 285 -6.13 9.35 -26.37
C GLY A 285 -4.98 9.71 -25.44
N MET A 286 -4.67 10.98 -25.43
CA MET A 286 -3.68 11.50 -24.50
C MET A 286 -4.24 12.69 -23.72
N ILE A 287 -3.94 12.70 -22.44
CA ILE A 287 -4.31 13.77 -21.52
C ILE A 287 -3.10 14.68 -21.34
N ILE A 288 -3.24 15.89 -21.85
CA ILE A 288 -2.17 16.89 -21.89
C ILE A 288 -2.70 18.09 -21.12
N SER A 289 -2.21 18.32 -19.90
CA SER A 289 -1.11 17.64 -19.26
C SER A 289 -1.31 17.65 -17.74
N ASN A 290 -0.37 17.02 -17.04
CA ASN A 290 -0.31 17.06 -15.60
C ASN A 290 0.36 18.37 -15.15
N THR A 291 0.65 18.47 -13.86
CA THR A 291 1.24 19.67 -13.30
C THR A 291 2.70 19.81 -13.68
N THR A 292 3.25 21.01 -13.49
CA THR A 292 4.61 21.32 -13.90
C THR A 292 5.48 21.66 -12.69
N THR A 293 6.75 21.32 -12.80
CA THR A 293 7.75 21.69 -11.80
C THR A 293 8.66 22.83 -12.26
N GLN A 294 8.28 23.54 -13.32
CA GLN A 294 9.17 24.53 -13.92
C GLN A 294 8.71 25.97 -13.70
N ILE A 295 7.74 26.20 -12.82
CA ILE A 295 7.27 27.55 -12.49
C ILE A 295 7.78 27.90 -11.11
N ASN A 296 8.54 29.00 -11.01
CA ASN A 296 9.02 29.45 -9.70
C ASN A 296 8.92 30.95 -9.56
N ASP A 297 8.03 31.60 -10.32
CA ASP A 297 7.79 33.03 -10.19
C ASP A 297 6.70 33.35 -9.17
N ILE A 298 6.10 32.35 -8.52
CA ILE A 298 5.02 32.58 -7.57
C ILE A 298 5.66 32.73 -6.20
N LYS A 299 5.71 33.98 -5.72
CA LYS A 299 6.41 34.28 -4.47
C LYS A 299 5.93 33.39 -3.32
N SER A 300 4.62 33.21 -3.20
CA SER A 300 4.09 32.46 -2.06
C SER A 300 4.36 30.96 -2.15
N PHE A 301 4.88 30.46 -3.28
CA PHE A 301 5.23 29.05 -3.41
C PHE A 301 6.72 28.82 -3.25
N GLU A 302 7.50 29.85 -2.96
CA GLU A 302 8.93 29.67 -2.79
C GLU A 302 9.21 28.74 -1.62
N ASN A 303 10.11 27.79 -1.83
CA ASN A 303 10.41 26.77 -0.84
C ASN A 303 9.15 25.98 -0.49
N LYS A 304 8.36 25.68 -1.52
CA LYS A 304 7.31 24.67 -1.46
C LYS A 304 7.58 23.67 -2.59
N LYS A 305 7.29 22.40 -2.34
CA LYS A 305 7.58 21.35 -3.29
C LYS A 305 6.29 20.84 -3.93
N GLY A 306 6.44 20.24 -5.12
CA GLY A 306 5.33 19.64 -5.81
C GLY A 306 5.09 20.31 -7.17
N GLY A 307 3.98 19.94 -7.77
CA GLY A 307 3.62 20.44 -9.08
C GLY A 307 2.66 21.61 -8.99
N VAL A 308 2.73 22.50 -9.97
CA VAL A 308 1.88 23.67 -10.04
C VAL A 308 0.78 23.47 -11.07
N SER A 309 -0.42 23.89 -10.68
CA SER A 309 -1.64 23.86 -11.48
C SER A 309 -2.17 25.29 -11.65
N GLY A 310 -3.11 25.45 -12.57
CA GLY A 310 -3.81 26.71 -12.66
C GLY A 310 -3.33 27.64 -13.75
N ALA A 311 -3.56 28.94 -13.55
CA ALA A 311 -3.40 29.91 -14.62
C ALA A 311 -1.98 29.93 -15.16
N LYS A 312 -0.99 29.78 -14.29
CA LYS A 312 0.39 29.80 -14.76
C LYS A 312 0.74 28.58 -15.62
N LEU A 313 -0.12 27.55 -15.69
CA LEU A 313 0.13 26.37 -16.52
C LEU A 313 -0.56 26.44 -17.88
N LYS A 314 -1.49 27.37 -18.07
CA LYS A 314 -2.28 27.43 -19.29
C LYS A 314 -1.40 27.42 -20.54
N ASP A 315 -0.51 28.41 -20.66
CA ASP A 315 0.27 28.56 -21.88
C ASP A 315 1.17 27.36 -22.14
N ILE A 316 1.87 26.90 -21.09
CA ILE A 316 2.72 25.72 -21.23
C ILE A 316 1.92 24.54 -21.78
N SER A 317 0.77 24.26 -21.18
CA SER A 317 0.05 23.07 -21.60
C SER A 317 -0.62 23.25 -22.96
N THR A 318 -1.02 24.48 -23.32
CA THR A 318 -1.60 24.68 -24.65
C THR A 318 -0.54 24.49 -25.73
N LYS A 319 0.66 25.04 -25.52
CA LYS A 319 1.74 24.79 -26.46
C LYS A 319 2.01 23.30 -26.61
N PHE A 320 1.98 22.56 -25.50
CA PHE A 320 2.21 21.11 -25.51
C PHE A 320 1.14 20.37 -26.31
N ILE A 321 -0.13 20.78 -26.20
CA ILE A 321 -1.19 20.22 -27.04
C ILE A 321 -0.84 20.39 -28.53
N CYS A 322 -0.46 21.61 -28.92
CA CYS A 322 -0.10 21.88 -30.31
C CYS A 322 1.05 20.98 -30.77
N GLU A 323 2.06 20.81 -29.91
CA GLU A 323 3.20 19.99 -30.28
C GLU A 323 2.80 18.53 -30.50
N MET A 324 2.04 17.95 -29.58
CA MET A 324 1.70 16.54 -29.67
C MET A 324 0.66 16.29 -30.75
N TYR A 325 -0.26 17.23 -30.95
CA TYR A 325 -1.21 17.12 -32.08
C TYR A 325 -0.44 17.00 -33.39
N ASN A 326 0.66 17.74 -33.52
CA ASN A 326 1.43 17.66 -34.75
C ASN A 326 2.36 16.45 -34.79
N TYR A 327 3.01 16.11 -33.66
CA TYR A 327 3.90 14.96 -33.65
C TYR A 327 3.14 13.65 -33.90
N THR A 328 1.89 13.56 -33.46
CA THR A 328 1.05 12.40 -33.73
C THR A 328 0.28 12.54 -35.03
N ASN A 329 0.56 13.59 -35.81
CA ASN A 329 -0.11 13.81 -37.09
C ASN A 329 -1.63 13.74 -36.97
N LYS A 330 -2.16 14.28 -35.86
CA LYS A 330 -3.58 14.45 -35.60
C LYS A 330 -4.34 13.13 -35.45
N GLN A 331 -3.65 12.02 -35.25
CA GLN A 331 -4.27 10.70 -35.19
C GLN A 331 -4.67 10.27 -33.78
N ILE A 332 -4.24 10.98 -32.75
CA ILE A 332 -4.49 10.60 -31.35
C ILE A 332 -5.33 11.68 -30.68
N PRO A 333 -6.58 11.41 -30.30
CA PRO A 333 -7.41 12.44 -29.67
C PRO A 333 -6.80 12.93 -28.37
N ILE A 334 -7.10 14.18 -28.02
CA ILE A 334 -6.46 14.86 -26.91
C ILE A 334 -7.51 15.32 -25.91
N ILE A 335 -7.22 15.07 -24.63
CA ILE A 335 -7.97 15.58 -23.49
C ILE A 335 -7.12 16.70 -22.86
N ALA A 336 -7.66 17.93 -22.83
CA ALA A 336 -6.86 19.07 -22.36
C ALA A 336 -7.02 19.27 -20.85
N SER A 337 -5.90 19.48 -20.17
CA SER A 337 -5.87 19.77 -18.74
C SER A 337 -4.80 20.83 -18.53
N GLY A 338 -5.15 21.93 -17.87
CA GLY A 338 -4.15 22.97 -17.65
C GLY A 338 -4.61 24.41 -17.80
N GLY A 339 -4.95 25.00 -16.67
CA GLY A 339 -5.28 26.42 -16.60
C GLY A 339 -6.52 26.84 -17.35
N ILE A 340 -7.50 25.96 -17.50
CA ILE A 340 -8.74 26.31 -18.18
C ILE A 340 -9.70 26.93 -17.16
N PHE A 341 -10.00 28.21 -17.33
CA PHE A 341 -10.96 28.91 -16.49
C PHE A 341 -12.15 29.50 -17.23
N SER A 342 -12.02 29.80 -18.51
CA SER A 342 -13.03 30.55 -19.26
C SER A 342 -13.38 29.81 -20.54
N GLY A 343 -14.47 30.24 -21.17
CA GLY A 343 -14.80 29.69 -22.47
C GLY A 343 -13.73 29.97 -23.50
N LEU A 344 -13.07 31.13 -23.41
CA LEU A 344 -11.96 31.44 -24.31
C LEU A 344 -10.79 30.49 -24.08
N ASP A 345 -10.46 30.20 -22.80
CA ASP A 345 -9.43 29.20 -22.51
C ASP A 345 -9.78 27.86 -23.13
N ALA A 346 -11.05 27.44 -23.00
CA ALA A 346 -11.47 26.14 -23.52
C ALA A 346 -11.38 26.11 -25.04
N LEU A 347 -11.80 27.17 -25.70
CA LEU A 347 -11.76 27.19 -27.16
C LEU A 347 -10.32 27.19 -27.67
N GLU A 348 -9.42 27.89 -26.98
CA GLU A 348 -8.00 27.82 -27.31
C GLU A 348 -7.46 26.39 -27.23
N LYS A 349 -7.82 25.63 -26.20
CA LYS A 349 -7.40 24.23 -26.13
C LYS A 349 -7.98 23.43 -27.29
N ILE A 350 -9.26 23.63 -27.60
CA ILE A 350 -9.90 22.85 -28.65
C ILE A 350 -9.30 23.18 -30.01
N GLU A 351 -9.14 24.47 -30.31
CA GLU A 351 -8.54 24.85 -31.59
C GLU A 351 -7.11 24.38 -31.69
N ALA A 352 -6.45 24.20 -30.55
CA ALA A 352 -5.08 23.70 -30.53
C ALA A 352 -5.00 22.22 -30.84
N GLY A 353 -6.11 21.46 -30.68
CA GLY A 353 -6.12 20.05 -30.94
C GLY A 353 -6.96 19.22 -30.01
N ALA A 354 -7.42 19.78 -28.88
CA ALA A 354 -8.16 19.00 -27.89
C ALA A 354 -9.59 18.72 -28.32
N SER A 355 -10.09 17.53 -27.97
CA SER A 355 -11.50 17.19 -28.19
C SER A 355 -12.39 17.46 -26.98
N VAL A 356 -11.81 17.52 -25.79
CA VAL A 356 -12.56 17.69 -24.54
C VAL A 356 -11.61 18.32 -23.53
N CYS A 357 -12.19 18.94 -22.48
CA CYS A 357 -11.44 19.70 -21.49
C CYS A 357 -11.71 19.14 -20.11
N GLN A 358 -10.68 19.15 -19.27
CA GLN A 358 -10.78 18.79 -17.86
C GLN A 358 -10.45 20.02 -17.02
N LEU A 359 -11.19 20.18 -15.91
CA LEU A 359 -10.99 21.29 -15.00
C LEU A 359 -10.58 20.76 -13.63
N TYR A 360 -9.68 21.46 -12.95
CA TYR A 360 -9.40 21.27 -11.54
C TYR A 360 -9.37 22.65 -10.86
N SER A 361 -8.35 23.46 -11.22
CA SER A 361 -8.18 24.76 -10.58
C SER A 361 -9.40 25.66 -10.77
N CYS A 362 -10.06 25.58 -11.91
CA CYS A 362 -11.27 26.37 -12.09
C CYS A 362 -12.30 26.08 -11.00
N LEU A 363 -12.48 24.80 -10.65
CA LEU A 363 -13.42 24.45 -9.58
C LEU A 363 -13.00 25.07 -8.26
N VAL A 364 -11.69 25.04 -7.95
CA VAL A 364 -11.22 25.60 -6.68
C VAL A 364 -11.49 27.09 -6.61
N PHE A 365 -11.22 27.81 -7.69
CA PHE A 365 -11.25 29.26 -7.64
C PHE A 365 -12.57 29.86 -8.06
N ASN A 366 -13.39 29.16 -8.82
CA ASN A 366 -14.71 29.66 -9.21
C ASN A 366 -15.86 28.92 -8.54
N GLY A 367 -15.61 27.74 -7.97
CA GLY A 367 -16.60 27.11 -7.12
C GLY A 367 -17.75 26.46 -7.86
N MET A 368 -18.93 26.48 -7.21
CA MET A 368 -20.03 25.65 -7.68
C MET A 368 -20.47 26.03 -9.09
N LYS A 369 -20.33 27.30 -9.43
CA LYS A 369 -20.78 27.81 -10.74
C LYS A 369 -19.87 27.45 -11.89
N SER A 370 -18.78 26.71 -11.63
CA SER A 370 -17.72 26.53 -12.62
C SER A 370 -18.26 25.99 -13.94
N ALA A 371 -19.01 24.90 -13.90
CA ALA A 371 -19.46 24.27 -15.14
C ALA A 371 -20.54 25.11 -15.83
N VAL A 372 -21.56 25.56 -15.08
CA VAL A 372 -22.60 26.38 -15.68
C VAL A 372 -21.97 27.56 -16.41
N GLN A 373 -21.03 28.23 -15.75
CA GLN A 373 -20.45 29.45 -16.31
C GLN A 373 -19.62 29.18 -17.55
N ILE A 374 -18.72 28.20 -17.51
CA ILE A 374 -17.84 27.95 -18.65
C ILE A 374 -18.62 27.36 -19.83
N LYS A 375 -19.66 26.58 -19.56
CA LYS A 375 -20.47 26.06 -20.67
C LYS A 375 -21.17 27.20 -21.40
N ARG A 376 -21.68 28.16 -20.65
CA ARG A 376 -22.35 29.31 -21.25
C ARG A 376 -21.36 30.15 -22.05
N GLU A 377 -20.16 30.36 -21.52
CA GLU A 377 -19.16 31.16 -22.21
C GLU A 377 -18.74 30.52 -23.50
N LEU A 378 -18.53 29.19 -23.49
CA LEU A 378 -18.12 28.49 -24.72
C LEU A 378 -19.21 28.57 -25.77
N ASN A 379 -20.47 28.29 -25.40
CA ASN A 379 -21.56 28.40 -26.37
C ASN A 379 -21.60 29.77 -27.04
N HIS A 380 -21.56 30.84 -26.25
CA HIS A 380 -21.61 32.17 -26.85
C HIS A 380 -20.43 32.37 -27.80
N LEU A 381 -19.26 31.85 -27.43
CA LEU A 381 -18.08 31.98 -28.27
C LEU A 381 -18.21 31.20 -29.57
N LEU A 382 -18.83 30.02 -29.52
CA LEU A 382 -19.07 29.27 -30.75
C LEU A 382 -19.99 30.05 -31.68
N TYR A 383 -21.00 30.73 -31.12
CA TYR A 383 -21.85 31.64 -31.87
C TYR A 383 -21.02 32.76 -32.50
N GLN A 384 -20.24 33.45 -31.68
CA GLN A 384 -19.51 34.61 -32.16
C GLN A 384 -18.53 34.24 -33.26
N ARG A 385 -17.88 33.08 -33.14
CA ARG A 385 -16.86 32.69 -34.09
C ARG A 385 -17.40 32.05 -35.37
N GLY A 386 -18.70 31.73 -35.41
CA GLY A 386 -19.28 31.20 -36.63
C GLY A 386 -19.22 29.70 -36.80
N TYR A 387 -18.83 28.97 -35.77
CA TYR A 387 -18.83 27.52 -35.84
C TYR A 387 -20.25 26.97 -35.81
N TYR A 388 -20.48 25.91 -36.59
CA TYR A 388 -21.75 25.20 -36.48
C TYR A 388 -21.80 24.38 -35.20
N ASN A 389 -20.71 23.68 -34.87
CA ASN A 389 -20.62 22.94 -33.63
C ASN A 389 -19.18 22.91 -33.15
N LEU A 390 -18.98 22.33 -31.95
CA LEU A 390 -17.67 22.30 -31.34
C LEU A 390 -16.70 21.45 -32.14
N LYS A 391 -17.17 20.33 -32.68
CA LYS A 391 -16.29 19.43 -33.43
C LYS A 391 -15.60 20.14 -34.58
N GLU A 392 -16.29 21.13 -35.21
CA GLU A 392 -15.73 21.88 -36.32
C GLU A 392 -14.50 22.68 -35.90
N ALA A 393 -14.39 23.03 -34.62
CA ALA A 393 -13.27 23.83 -34.12
C ALA A 393 -12.05 23.00 -33.75
N ILE A 394 -12.20 21.68 -33.61
CA ILE A 394 -11.07 20.87 -33.09
C ILE A 394 -9.89 21.00 -34.03
N GLY A 395 -8.76 21.47 -33.49
CA GLY A 395 -7.55 21.61 -34.28
C GLY A 395 -7.57 22.68 -35.35
N ARG A 396 -8.51 23.62 -35.29
CA ARG A 396 -8.60 24.63 -36.34
C ARG A 396 -7.43 25.62 -36.29
N LYS A 397 -6.73 25.73 -35.16
CA LYS A 397 -5.54 26.56 -35.13
C LYS A 397 -4.52 26.10 -36.15
N HIS A 398 -4.51 24.80 -36.47
CA HIS A 398 -3.56 24.24 -37.43
C HIS A 398 -4.13 24.20 -38.85
N HIS B 6 25.82 -37.98 15.96
CA HIS B 6 25.72 -36.53 15.72
C HIS B 6 27.09 -35.84 15.85
N HIS B 7 28.13 -36.55 15.43
CA HIS B 7 29.47 -35.98 15.33
C HIS B 7 29.50 -34.96 14.18
N HIS B 8 29.68 -33.68 14.54
CA HIS B 8 29.55 -32.59 13.56
C HIS B 8 30.46 -32.78 12.35
N ALA B 9 31.62 -33.42 12.55
CA ALA B 9 32.66 -33.41 11.51
C ALA B 9 32.23 -34.11 10.23
N GLU B 10 31.12 -34.86 10.21
CA GLU B 10 30.73 -35.53 8.98
C GLU B 10 30.06 -34.57 8.01
N ASN B 11 29.16 -33.71 8.50
CA ASN B 11 28.58 -32.68 7.64
C ASN B 11 29.65 -31.72 7.14
N LEU B 12 30.72 -31.54 7.90
CA LEU B 12 31.83 -30.67 7.54
C LEU B 12 32.37 -30.97 6.14
N GLU B 21 35.40 -27.16 17.36
CA GLU B 21 34.91 -28.29 18.14
C GLU B 21 33.62 -27.89 18.87
N SER B 22 33.77 -27.45 20.13
CA SER B 22 32.60 -27.14 20.97
C SER B 22 31.74 -25.99 20.43
N TYR B 23 32.32 -25.09 19.64
CA TYR B 23 31.54 -23.97 19.13
C TYR B 23 30.75 -24.32 17.87
N ASN B 24 30.86 -25.54 17.38
CA ASN B 24 30.02 -26.00 16.27
C ASN B 24 28.61 -26.30 16.77
N PRO B 25 27.56 -25.68 16.21
CA PRO B 25 26.21 -25.95 16.70
C PRO B 25 25.80 -27.41 16.60
N GLU B 26 26.44 -28.19 15.74
CA GLU B 26 26.10 -29.60 15.60
C GLU B 26 26.97 -30.50 16.48
N PHE B 27 27.83 -29.92 17.30
CA PHE B 27 28.67 -30.71 18.22
C PHE B 27 27.81 -31.69 19.01
N PHE B 28 28.26 -32.95 19.07
CA PHE B 28 27.35 -34.02 19.47
C PHE B 28 26.84 -33.84 20.89
N LEU B 29 27.57 -33.11 21.74
CA LEU B 29 27.16 -33.01 23.14
C LEU B 29 25.88 -32.17 23.29
N TYR B 30 25.64 -31.22 22.38
CA TYR B 30 24.47 -30.36 22.55
C TYR B 30 23.19 -31.21 22.52
N ASP B 31 23.08 -32.12 21.54
CA ASP B 31 21.92 -32.99 21.45
C ASP B 31 21.74 -33.79 22.74
N ILE B 32 22.84 -34.28 23.31
CA ILE B 32 22.75 -35.11 24.51
C ILE B 32 22.20 -34.28 25.66
N PHE B 33 22.76 -33.09 25.86
CA PHE B 33 22.27 -32.21 26.93
C PHE B 33 20.81 -31.85 26.72
N LEU B 34 20.41 -31.58 25.46
CA LEU B 34 19.03 -31.16 25.22
C LEU B 34 18.04 -32.29 25.50
N LYS B 35 18.34 -33.52 25.06
CA LYS B 35 17.41 -34.60 25.33
C LYS B 35 17.20 -34.77 26.82
N PHE B 36 18.25 -34.55 27.62
CA PHE B 36 18.12 -34.63 29.06
C PHE B 36 17.28 -33.48 29.60
N CYS B 37 17.54 -32.26 29.15
CA CYS B 37 16.77 -31.10 29.57
C CYS B 37 15.28 -31.31 29.33
N LEU B 38 14.91 -31.74 28.12
CA LEU B 38 13.49 -31.88 27.79
C LEU B 38 12.84 -32.95 28.64
N LYS B 39 13.62 -33.86 29.21
CA LYS B 39 13.07 -34.97 29.97
C LYS B 39 12.90 -34.64 31.44
N TYR B 40 13.79 -33.83 32.03
CA TYR B 40 13.90 -33.73 33.46
C TYR B 40 13.88 -32.32 34.03
N ILE B 41 13.97 -31.28 33.22
CA ILE B 41 14.22 -29.93 33.71
C ILE B 41 13.10 -29.02 33.24
N ASP B 42 12.61 -28.18 34.16
CA ASP B 42 11.53 -27.25 33.85
C ASP B 42 11.84 -26.42 32.62
N GLY B 43 10.80 -26.17 31.82
CA GLY B 43 10.98 -25.44 30.57
C GLY B 43 11.57 -24.06 30.79
N GLU B 44 11.00 -23.28 31.71
CA GLU B 44 11.50 -21.92 31.89
C GLU B 44 12.92 -21.91 32.44
N ILE B 45 13.31 -22.94 33.20
CA ILE B 45 14.69 -23.05 33.64
C ILE B 45 15.62 -23.35 32.46
N CYS B 46 15.26 -24.33 31.64
CA CYS B 46 15.96 -24.52 30.38
C CYS B 46 16.17 -23.21 29.64
N HIS B 47 15.12 -22.38 29.55
CA HIS B 47 15.21 -21.15 28.76
C HIS B 47 16.16 -20.17 29.39
N ASP B 48 16.07 -20.01 30.72
CA ASP B 48 16.98 -19.14 31.47
C ASP B 48 18.42 -19.58 31.31
N LEU B 49 18.66 -20.88 31.27
CA LEU B 49 20.02 -21.39 31.06
C LEU B 49 20.50 -21.02 29.66
N PHE B 50 19.65 -21.21 28.65
CA PHE B 50 20.01 -20.79 27.30
C PHE B 50 20.38 -19.31 27.27
N LEU B 51 19.55 -18.46 27.89
CA LEU B 51 19.82 -17.03 27.87
C LEU B 51 21.10 -16.68 28.61
N LEU B 52 21.40 -17.41 29.69
CA LEU B 52 22.63 -17.20 30.44
C LEU B 52 23.85 -17.52 29.59
N LEU B 53 23.83 -18.68 28.90
CA LEU B 53 24.90 -18.99 27.97
C LEU B 53 25.06 -17.88 26.92
N GLY B 54 23.95 -17.43 26.34
CA GLY B 54 24.03 -16.36 25.37
C GLY B 54 24.58 -15.08 25.95
N LYS B 55 24.22 -14.77 27.21
CA LYS B 55 24.65 -13.52 27.82
C LYS B 55 26.16 -13.48 27.96
N TYR B 56 26.79 -14.61 28.25
CA TYR B 56 28.23 -14.68 28.41
C TYR B 56 28.92 -15.09 27.11
N ASN B 57 28.18 -15.17 26.00
CA ASN B 57 28.75 -15.40 24.68
C ASN B 57 29.49 -16.73 24.60
N ILE B 58 28.90 -17.77 25.18
CA ILE B 58 29.45 -19.12 25.09
C ILE B 58 28.52 -20.08 24.35
N LEU B 59 27.52 -19.57 23.64
CA LEU B 59 26.77 -20.42 22.75
C LEU B 59 27.64 -20.75 21.53
N PRO B 60 27.40 -21.89 20.88
CA PRO B 60 28.08 -22.18 19.62
C PRO B 60 27.60 -21.21 18.55
N TYR B 61 28.27 -21.22 17.41
CA TYR B 61 27.91 -20.31 16.34
C TYR B 61 28.23 -20.89 14.97
N ASP B 62 27.55 -20.31 13.98
CA ASP B 62 27.72 -20.63 12.56
C ASP B 62 27.75 -19.28 11.85
N THR B 63 28.96 -18.75 11.62
CA THR B 63 29.13 -17.51 10.88
C THR B 63 29.44 -17.76 9.40
N SER B 64 29.28 -19.00 8.92
CA SER B 64 29.43 -19.36 7.52
C SER B 64 28.58 -18.50 6.60
N ASN B 65 28.93 -18.47 5.32
CA ASN B 65 28.14 -17.76 4.32
C ASN B 65 26.90 -18.57 3.99
N ASP B 66 25.75 -17.92 3.99
CA ASP B 66 24.54 -18.55 3.50
C ASP B 66 24.43 -18.44 1.99
N SER B 67 23.62 -19.34 1.41
CA SER B 67 23.39 -19.40 -0.02
C SER B 67 22.66 -18.15 -0.53
N ILE B 68 23.22 -17.50 -1.57
CA ILE B 68 22.55 -16.33 -2.12
C ILE B 68 21.22 -16.72 -2.77
N TYR B 69 21.01 -18.00 -3.10
CA TYR B 69 19.77 -18.43 -3.73
C TYR B 69 18.66 -18.67 -2.72
N ALA B 70 18.91 -18.49 -1.44
CA ALA B 70 17.87 -18.61 -0.43
C ALA B 70 17.62 -17.28 0.28
N CYS B 71 18.21 -16.19 -0.23
CA CYS B 71 17.87 -14.85 0.24
C CYS B 71 16.39 -14.57 -0.01
N THR B 72 15.86 -13.57 0.69
CA THR B 72 14.47 -13.18 0.53
C THR B 72 14.37 -11.76 1.03
N ASN B 73 13.27 -11.11 0.69
CA ASN B 73 13.05 -9.73 1.13
C ASN B 73 11.58 -9.49 1.39
N ILE B 74 11.34 -8.49 2.24
CA ILE B 74 10.02 -7.85 2.38
C ILE B 74 10.27 -6.37 2.23
N LYS B 75 9.78 -5.80 1.12
CA LYS B 75 10.10 -4.43 0.76
C LYS B 75 11.62 -4.28 0.82
N HIS B 76 12.15 -3.28 1.50
CA HIS B 76 13.60 -3.07 1.54
C HIS B 76 14.31 -3.91 2.60
N LEU B 77 13.61 -4.75 3.37
CA LEU B 77 14.27 -5.63 4.32
C LEU B 77 14.88 -6.79 3.53
N ASP B 78 16.20 -6.87 3.49
CA ASP B 78 16.93 -7.92 2.77
C ASP B 78 17.44 -8.97 3.77
N PHE B 79 16.71 -10.08 3.89
CA PHE B 79 17.09 -11.18 4.77
C PHE B 79 18.18 -12.04 4.12
N ILE B 80 19.29 -12.25 4.84
CA ILE B 80 20.39 -13.06 4.28
C ILE B 80 19.98 -14.52 4.13
N ASN B 81 19.02 -14.99 4.90
CA ASN B 81 18.45 -16.31 4.77
C ASN B 81 17.03 -16.25 5.29
N PRO B 82 16.20 -17.24 5.02
CA PRO B 82 14.78 -17.07 5.29
C PRO B 82 14.32 -17.46 6.70
N PHE B 83 15.22 -17.57 7.67
CA PHE B 83 14.85 -18.06 8.99
C PHE B 83 15.26 -17.10 10.11
N GLY B 84 14.26 -16.63 10.84
CA GLY B 84 14.48 -15.84 12.05
C GLY B 84 13.90 -16.51 13.27
N VAL B 85 14.11 -15.87 14.42
CA VAL B 85 13.55 -16.30 15.69
C VAL B 85 12.33 -15.44 16.04
N ALA B 86 11.23 -16.12 16.35
CA ALA B 86 9.95 -15.50 16.58
C ALA B 86 9.94 -14.75 17.91
N ALA B 87 8.94 -13.88 18.03
CA ALA B 87 8.80 -13.11 19.25
C ALA B 87 8.54 -14.00 20.46
N GLY B 88 8.86 -13.47 21.63
CA GLY B 88 8.76 -14.20 22.88
C GLY B 88 9.98 -15.00 23.25
N PHE B 89 10.87 -15.28 22.33
CA PHE B 89 12.03 -16.10 22.66
C PHE B 89 13.07 -15.29 23.43
N ASP B 90 13.40 -14.09 22.95
CA ASP B 90 14.21 -13.14 23.71
C ASP B 90 13.35 -11.92 23.97
N LYS B 91 12.51 -12.00 25.01
CA LYS B 91 11.57 -10.94 25.32
C LYS B 91 12.25 -9.62 25.63
N ASN B 92 13.43 -9.65 26.21
CA ASN B 92 14.08 -8.45 26.71
C ASN B 92 15.29 -8.03 25.89
N GLY B 93 15.58 -8.71 24.80
CA GLY B 93 16.70 -8.31 23.97
C GLY B 93 18.05 -8.42 24.63
N VAL B 94 18.24 -9.46 25.46
CA VAL B 94 19.50 -9.65 26.20
C VAL B 94 20.39 -10.68 25.54
N CYS B 95 19.97 -11.24 24.44
CA CYS B 95 20.65 -12.39 23.84
C CYS B 95 20.66 -12.26 22.33
N ILE B 96 20.58 -11.03 21.80
CA ILE B 96 20.38 -10.83 20.36
C ILE B 96 21.56 -11.42 19.59
N ASP B 97 22.80 -10.99 19.92
CA ASP B 97 23.96 -11.37 19.14
C ASP B 97 24.12 -12.89 19.09
N SER B 98 24.04 -13.55 20.25
CA SER B 98 24.33 -14.97 20.29
C SER B 98 23.26 -15.78 19.60
N ILE B 99 21.99 -15.36 19.69
CA ILE B 99 20.94 -16.08 18.97
C ILE B 99 21.12 -15.93 17.46
N LEU B 100 21.35 -14.71 17.00
CA LEU B 100 21.61 -14.51 15.56
C LEU B 100 22.77 -15.36 15.07
N LYS B 101 23.83 -15.48 15.87
CA LYS B 101 25.03 -16.19 15.42
C LYS B 101 24.85 -17.70 15.40
N LEU B 102 23.73 -18.22 15.88
CA LEU B 102 23.38 -19.61 15.60
C LEU B 102 23.11 -19.84 14.12
N GLY B 103 22.80 -18.78 13.38
CA GLY B 103 22.61 -18.94 11.94
C GLY B 103 21.31 -18.30 11.45
N PHE B 104 20.65 -17.54 12.31
CA PHE B 104 19.39 -16.88 11.93
C PHE B 104 19.67 -15.54 11.26
N SER B 105 18.77 -15.16 10.33
CA SER B 105 18.87 -13.90 9.61
C SER B 105 18.25 -12.73 10.38
N PHE B 106 17.37 -12.99 11.34
CA PHE B 106 16.70 -11.93 12.09
C PHE B 106 16.07 -12.51 13.36
N ILE B 107 15.69 -11.61 14.25
CA ILE B 107 15.01 -11.95 15.48
C ILE B 107 14.02 -10.85 15.77
N GLU B 108 12.86 -11.23 16.29
CA GLU B 108 11.85 -10.29 16.77
C GLU B 108 11.92 -10.32 18.29
N ILE B 109 12.40 -9.25 18.88
CA ILE B 109 12.41 -9.15 20.36
C ILE B 109 11.05 -8.67 20.87
N GLY B 110 10.80 -8.81 22.13
CA GLY B 110 9.49 -8.55 22.68
C GLY B 110 8.73 -9.85 22.76
N THR B 111 7.42 -9.76 22.95
CA THR B 111 6.66 -8.50 23.03
C THR B 111 6.94 -7.67 24.27
N ILE B 112 7.19 -6.37 24.08
CA ILE B 112 7.44 -5.45 25.18
C ILE B 112 6.19 -4.63 25.42
N THR B 113 6.05 -4.15 26.66
CA THR B 113 5.04 -3.21 27.08
C THR B 113 5.69 -1.99 27.72
N PRO B 114 4.96 -0.86 27.84
CA PRO B 114 5.58 0.35 28.38
C PRO B 114 6.22 0.14 29.75
N ARG B 115 5.48 -0.41 30.70
CA ARG B 115 6.01 -0.78 32.01
C ARG B 115 6.37 -2.27 32.04
N GLY B 116 7.35 -2.63 32.87
CA GLY B 116 7.67 -4.02 33.05
C GLY B 116 6.48 -4.79 33.64
N GLN B 117 6.53 -6.10 33.48
CA GLN B 117 5.50 -7.00 33.98
C GLN B 117 6.17 -8.33 34.32
N THR B 118 5.79 -8.93 35.45
CA THR B 118 6.33 -10.25 35.74
C THR B 118 5.55 -11.36 35.03
N GLY B 119 4.33 -11.09 34.59
CA GLY B 119 3.56 -12.10 33.92
C GLY B 119 2.75 -12.94 34.89
N ASN B 120 2.23 -14.04 34.38
CA ASN B 120 1.40 -14.90 35.23
C ASN B 120 2.27 -15.81 36.11
N ALA B 121 1.64 -16.37 37.12
CA ALA B 121 2.37 -17.20 38.07
C ALA B 121 2.91 -18.45 37.38
N LYS B 122 4.12 -18.84 37.79
CA LYS B 122 4.74 -20.07 37.33
C LYS B 122 4.13 -21.24 38.10
N PRO B 123 4.18 -22.46 37.52
CA PRO B 123 4.68 -22.75 36.18
C PRO B 123 3.64 -22.41 35.15
N ARG B 124 4.08 -21.90 34.01
CA ARG B 124 3.18 -21.36 33.01
C ARG B 124 3.60 -21.76 31.61
N ILE B 125 4.58 -22.66 31.48
CA ILE B 125 5.10 -23.12 30.18
C ILE B 125 5.28 -24.62 30.30
N PHE B 126 4.81 -25.36 29.30
CA PHE B 126 4.90 -26.82 29.34
C PHE B 126 5.10 -27.36 27.95
N ARG B 127 5.97 -28.36 27.84
CA ARG B 127 6.34 -28.96 26.58
C ARG B 127 5.83 -30.38 26.49
N ASP B 128 5.54 -30.82 25.27
CA ASP B 128 5.19 -32.20 24.98
C ASP B 128 6.12 -32.67 23.87
N VAL B 129 7.13 -33.47 24.23
CA VAL B 129 8.17 -33.82 23.27
C VAL B 129 7.59 -34.67 22.15
N GLU B 130 6.69 -35.59 22.51
CA GLU B 130 6.20 -36.57 21.55
C GLU B 130 5.49 -35.90 20.38
N SER B 131 4.69 -34.88 20.66
CA SER B 131 3.97 -34.12 19.65
C SER B 131 4.69 -32.83 19.29
N ARG B 132 5.88 -32.60 19.82
CA ARG B 132 6.65 -31.39 19.58
C ARG B 132 5.77 -30.15 19.69
N SER B 133 5.07 -30.05 20.82
CA SER B 133 4.18 -28.93 21.08
C SER B 133 4.56 -28.25 22.38
N ILE B 134 4.14 -27.00 22.51
CA ILE B 134 4.30 -26.21 23.72
C ILE B 134 2.96 -25.53 24.00
N ILE B 135 2.64 -25.39 25.30
CA ILE B 135 1.55 -24.51 25.72
C ILE B 135 2.10 -23.53 26.73
N ASN B 136 1.64 -22.27 26.64
CA ASN B 136 2.17 -21.24 27.53
C ASN B 136 1.09 -20.25 27.90
N SER B 137 1.15 -19.77 29.14
CA SER B 137 0.35 -18.64 29.62
CA SER B 137 0.35 -18.64 29.63
C SER B 137 1.28 -17.63 30.30
N CYS B 138 2.22 -17.08 29.52
CA CYS B 138 3.25 -16.21 30.10
C CYS B 138 2.67 -14.89 30.58
N GLY B 139 1.82 -14.25 29.76
CA GLY B 139 1.26 -12.97 30.12
C GLY B 139 2.18 -11.77 29.93
N PHE B 140 2.95 -11.75 28.86
CA PHE B 140 3.76 -10.59 28.50
C PHE B 140 4.74 -10.22 29.63
N ASN B 141 5.46 -11.22 30.15
CA ASN B 141 6.53 -10.92 31.07
C ASN B 141 7.63 -10.21 30.30
N ASN B 142 8.03 -9.04 30.75
CA ASN B 142 9.17 -8.32 30.15
C ASN B 142 9.60 -7.24 31.12
N MET B 143 10.78 -6.68 30.86
CA MET B 143 11.37 -5.68 31.73
C MET B 143 10.89 -4.27 31.42
N GLY B 144 10.10 -4.11 30.39
CA GLY B 144 9.56 -2.81 30.06
C GLY B 144 10.34 -2.14 28.96
N CYS B 145 9.65 -1.28 28.22
CA CYS B 145 10.21 -0.69 27.02
C CYS B 145 11.51 0.04 27.28
N ASP B 146 11.59 0.74 28.39
CA ASP B 146 12.79 1.56 28.64
C ASP B 146 14.02 0.68 28.85
N LYS B 147 13.88 -0.39 29.64
CA LYS B 147 15.01 -1.30 29.83
C LYS B 147 15.35 -2.05 28.53
N VAL B 148 14.36 -2.54 27.82
CA VAL B 148 14.65 -3.29 26.60
C VAL B 148 15.28 -2.36 25.57
N THR B 149 14.83 -1.12 25.49
CA THR B 149 15.48 -0.16 24.58
C THR B 149 16.96 -0.02 24.91
N GLU B 150 17.32 0.00 26.18
CA GLU B 150 18.74 0.14 26.52
C GLU B 150 19.51 -1.09 26.06
N ASN B 151 18.90 -2.27 26.15
CA ASN B 151 19.55 -3.48 25.65
C ASN B 151 19.74 -3.45 24.14
N LEU B 152 18.73 -2.97 23.43
CA LEU B 152 18.80 -2.92 21.97
C LEU B 152 19.84 -1.91 21.54
N ILE B 153 19.94 -0.79 22.23
CA ILE B 153 20.95 0.22 21.92
C ILE B 153 22.34 -0.36 22.04
N LEU B 154 22.59 -1.15 23.08
CA LEU B 154 23.90 -1.78 23.23
C LEU B 154 24.21 -2.69 22.05
N PHE B 155 23.22 -3.49 21.61
CA PHE B 155 23.40 -4.30 20.42
C PHE B 155 23.69 -3.44 19.20
N ARG B 156 22.93 -2.35 19.01
CA ARG B 156 23.14 -1.53 17.84
C ARG B 156 24.51 -0.87 17.85
N LYS B 157 25.03 -0.53 19.03
CA LYS B 157 26.39 0.00 19.08
C LYS B 157 27.41 -1.09 18.72
N ARG B 158 27.21 -2.30 19.22
CA ARG B 158 28.11 -3.41 18.86
C ARG B 158 28.03 -3.72 17.37
N GLN B 159 26.84 -3.65 16.79
CA GLN B 159 26.67 -3.93 15.39
C GLN B 159 27.42 -2.92 14.54
N GLU B 160 27.34 -1.64 14.90
CA GLU B 160 28.07 -0.60 14.19
C GLU B 160 29.58 -0.82 14.25
N GLU B 161 30.09 -1.39 15.35
CA GLU B 161 31.53 -1.61 15.51
C GLU B 161 31.97 -2.95 14.94
N ASP B 162 31.36 -4.04 15.41
CA ASP B 162 31.64 -5.38 14.90
C ASP B 162 31.58 -5.38 13.37
N LYS B 163 30.38 -5.25 12.82
CA LYS B 163 30.10 -5.22 11.39
C LYS B 163 30.17 -6.61 10.75
N LEU B 164 30.10 -7.67 11.54
CA LEU B 164 29.75 -9.00 11.04
C LEU B 164 28.29 -9.35 11.32
N LEU B 165 27.59 -8.52 12.07
CA LEU B 165 26.14 -8.60 12.18
C LEU B 165 25.47 -7.46 11.42
N SER B 166 26.21 -6.83 10.50
CA SER B 166 25.74 -5.64 9.80
C SER B 166 24.47 -5.87 8.99
N LYS B 167 24.28 -7.08 8.43
CA LYS B 167 23.10 -7.35 7.60
C LYS B 167 21.96 -8.05 8.36
N HIS B 168 22.18 -8.39 9.61
CA HIS B 168 21.16 -9.05 10.43
C HIS B 168 20.10 -8.07 10.88
N ILE B 169 18.85 -8.54 10.94
CA ILE B 169 17.67 -7.69 11.13
C ILE B 169 17.07 -7.92 12.52
N VAL B 170 16.68 -6.84 13.18
CA VAL B 170 16.03 -6.91 14.49
C VAL B 170 14.71 -6.18 14.40
N GLY B 171 13.62 -6.90 14.61
CA GLY B 171 12.31 -6.34 14.75
C GLY B 171 11.91 -6.30 16.24
N VAL B 172 10.92 -5.49 16.56
CA VAL B 172 10.44 -5.34 17.94
C VAL B 172 8.92 -5.52 17.98
N SER B 173 8.46 -6.48 18.76
CA SER B 173 7.03 -6.69 18.96
C SER B 173 6.56 -5.83 20.13
N ILE B 174 5.45 -5.11 19.93
CA ILE B 174 4.95 -4.17 20.93
C ILE B 174 3.50 -4.48 21.30
N GLY B 175 3.18 -4.28 22.57
CA GLY B 175 1.83 -4.53 23.05
C GLY B 175 1.48 -3.61 24.21
N LYS B 176 0.39 -3.89 24.90
CA LYS B 176 -0.05 -3.03 26.00
C LYS B 176 0.15 -3.71 27.34
N ASN B 177 0.26 -2.89 28.39
CA ASN B 177 0.26 -3.43 29.72
C ASN B 177 -1.14 -3.98 30.01
N LYS B 178 -1.19 -4.95 30.91
CA LYS B 178 -2.43 -5.65 31.21
C LYS B 178 -3.54 -4.69 31.62
N ASP B 179 -3.23 -3.67 32.42
CA ASP B 179 -4.26 -2.79 32.94
C ASP B 179 -4.49 -1.55 32.09
N THR B 180 -3.85 -1.43 30.94
CA THR B 180 -4.07 -0.26 30.08
C THR B 180 -5.40 -0.37 29.37
N VAL B 181 -6.18 0.73 29.38
CA VAL B 181 -7.51 0.69 28.77
C VAL B 181 -7.41 0.88 27.25
N ASN B 182 -6.59 1.85 26.80
CA ASN B 182 -6.52 2.22 25.38
C ASN B 182 -5.18 1.74 24.83
N ILE B 183 -5.22 0.64 24.08
CA ILE B 183 -4.00 0.03 23.57
C ILE B 183 -3.14 1.06 22.83
N VAL B 184 -3.74 2.06 22.20
CA VAL B 184 -2.98 2.90 21.29
C VAL B 184 -1.96 3.74 22.07
N ASP B 185 -2.32 4.19 23.27
CA ASP B 185 -1.38 4.92 24.12
C ASP B 185 -0.10 4.11 24.38
N ASP B 186 -0.25 2.83 24.70
CA ASP B 186 0.93 2.00 24.94
C ASP B 186 1.73 1.79 23.65
N LEU B 187 1.04 1.58 22.53
CA LEU B 187 1.78 1.36 21.29
C LEU B 187 2.62 2.59 20.95
N LYS B 188 2.03 3.79 21.11
CA LYS B 188 2.75 5.02 20.80
C LYS B 188 3.94 5.21 21.72
N TYR B 189 3.77 4.90 23.01
CA TYR B 189 4.89 5.02 23.93
C TYR B 189 6.06 4.17 23.45
N CYS B 190 5.78 2.93 23.07
CA CYS B 190 6.86 2.05 22.64
C CYS B 190 7.53 2.58 21.37
N ILE B 191 6.75 3.08 20.41
CA ILE B 191 7.31 3.60 19.18
C ILE B 191 8.25 4.76 19.46
N ASN B 192 7.84 5.68 20.35
CA ASN B 192 8.65 6.88 20.59
C ASN B 192 9.95 6.57 21.30
N LYS B 193 10.05 5.43 21.97
CA LYS B 193 11.27 5.09 22.68
C LYS B 193 12.17 4.16 21.89
N ILE B 194 11.62 3.08 21.32
CA ILE B 194 12.42 2.05 20.67
C ILE B 194 12.36 2.09 19.16
N GLY B 195 11.42 2.82 18.56
CA GLY B 195 11.19 2.69 17.13
C GLY B 195 12.41 3.04 16.27
N ARG B 196 13.21 4.01 16.73
CA ARG B 196 14.39 4.42 15.98
C ARG B 196 15.43 3.32 15.86
N TYR B 197 15.39 2.30 16.73
CA TYR B 197 16.33 1.21 16.77
C TYR B 197 15.81 -0.05 16.11
N ALA B 198 14.60 -0.02 15.57
CA ALA B 198 13.93 -1.20 15.07
C ALA B 198 13.94 -1.20 13.54
N ASP B 199 14.20 -2.36 12.96
CA ASP B 199 14.02 -2.50 11.53
C ASP B 199 12.56 -2.66 11.13
N TYR B 200 11.76 -3.28 12.00
CA TYR B 200 10.33 -3.33 11.80
C TYR B 200 9.68 -3.41 13.18
N ILE B 201 8.44 -2.94 13.24
CA ILE B 201 7.61 -3.07 14.44
C ILE B 201 6.48 -4.04 14.14
N ALA B 202 6.25 -4.98 15.04
CA ALA B 202 5.15 -5.93 14.93
C ALA B 202 4.13 -5.58 16.00
N ILE B 203 2.89 -5.41 15.57
CA ILE B 203 1.81 -5.05 16.47
C ILE B 203 1.15 -6.35 16.83
N ASN B 204 1.21 -6.67 18.12
CA ASN B 204 0.67 -7.90 18.65
C ASN B 204 -0.73 -7.60 19.17
N VAL B 205 -1.72 -7.96 18.36
CA VAL B 205 -3.11 -7.93 18.76
C VAL B 205 -3.63 -9.37 18.84
N SER B 206 -2.72 -10.34 19.06
CA SER B 206 -3.00 -11.76 18.93
C SER B 206 -2.61 -12.63 20.12
N SER B 207 -1.87 -12.11 21.11
CA SER B 207 -1.62 -12.94 22.29
C SER B 207 -2.94 -13.45 22.89
N PRO B 208 -3.04 -14.72 23.25
CA PRO B 208 -4.23 -15.21 23.97
C PRO B 208 -4.18 -15.06 25.48
N ASN B 209 -3.18 -14.37 26.03
CA ASN B 209 -2.91 -14.37 27.47
C ASN B 209 -2.96 -12.97 28.08
N THR B 210 -3.49 -11.99 27.36
CA THR B 210 -3.88 -10.69 27.93
C THR B 210 -5.37 -10.51 27.64
N PRO B 211 -6.23 -10.55 28.65
CA PRO B 211 -7.68 -10.41 28.39
C PRO B 211 -8.01 -9.27 27.43
N GLY B 212 -8.89 -9.56 26.48
CA GLY B 212 -9.40 -8.56 25.57
C GLY B 212 -8.45 -8.10 24.50
N LEU B 213 -7.20 -8.58 24.50
CA LEU B 213 -6.25 -8.10 23.50
C LEU B 213 -6.69 -8.52 22.08
N ARG B 214 -7.17 -9.75 21.94
CA ARG B 214 -7.52 -10.27 20.61
C ARG B 214 -8.72 -9.56 20.00
N ASP B 215 -9.57 -8.91 20.83
CA ASP B 215 -10.74 -8.20 20.31
C ASP B 215 -10.34 -7.01 19.46
N ASN B 216 -9.10 -6.54 19.59
CA ASN B 216 -8.55 -5.49 18.75
C ASN B 216 -8.34 -5.94 17.31
N GLN B 217 -8.67 -7.18 16.97
CA GLN B 217 -8.65 -7.65 15.60
C GLN B 217 -9.93 -7.32 14.84
N GLU B 218 -10.94 -6.79 15.52
CA GLU B 218 -12.11 -6.26 14.82
C GLU B 218 -11.68 -5.11 13.90
N ALA B 219 -12.33 -5.01 12.74
CA ALA B 219 -11.81 -4.20 11.64
C ALA B 219 -11.75 -2.72 12.00
N GLY B 220 -12.84 -2.18 12.56
CA GLY B 220 -12.83 -0.78 12.96
C GLY B 220 -11.66 -0.45 13.87
N LYS B 221 -11.52 -1.20 14.96
CA LYS B 221 -10.45 -0.94 15.92
C LYS B 221 -9.07 -1.14 15.31
N LEU B 222 -8.91 -2.19 14.50
CA LEU B 222 -7.61 -2.48 13.91
C LEU B 222 -7.16 -1.35 12.98
N LYS B 223 -8.08 -0.83 12.16
CA LYS B 223 -7.70 0.23 11.23
C LYS B 223 -7.13 1.41 12.00
N ASN B 224 -7.82 1.84 13.06
CA ASN B 224 -7.34 2.95 13.86
C ASN B 224 -6.02 2.63 14.55
N ILE B 225 -5.86 1.39 15.04
CA ILE B 225 -4.55 1.01 15.59
C ILE B 225 -3.46 1.17 14.55
N ILE B 226 -3.67 0.65 13.33
CA ILE B 226 -2.61 0.66 12.35
C ILE B 226 -2.27 2.08 11.93
N LEU B 227 -3.30 2.89 11.66
CA LEU B 227 -3.03 4.26 11.22
C LEU B 227 -2.37 5.07 12.32
N SER B 228 -2.76 4.86 13.58
CA SER B 228 -2.09 5.54 14.68
C SER B 228 -0.63 5.15 14.75
N VAL B 229 -0.32 3.85 14.62
CA VAL B 229 1.06 3.39 14.72
C VAL B 229 1.88 3.98 13.58
N LYS B 230 1.34 3.95 12.37
CA LYS B 230 2.09 4.47 11.23
C LYS B 230 2.32 5.96 11.38
N GLU B 231 1.31 6.71 11.81
CA GLU B 231 1.46 8.14 12.03
C GLU B 231 2.51 8.43 13.10
N GLU B 232 2.52 7.67 14.19
CA GLU B 232 3.53 7.91 15.21
C GLU B 232 4.94 7.61 14.70
N ILE B 233 5.10 6.54 13.92
CA ILE B 233 6.39 6.23 13.29
C ILE B 233 6.80 7.34 12.33
N ASP B 234 5.86 7.80 11.49
CA ASP B 234 6.17 8.86 10.55
C ASP B 234 6.56 10.16 11.25
N ASN B 235 6.01 10.43 12.44
CA ASN B 235 6.34 11.64 13.18
C ASN B 235 7.71 11.59 13.85
N LEU B 236 8.34 10.42 13.95
CA LEU B 236 9.69 10.37 14.52
C LEU B 236 10.65 11.24 13.72
N GLU B 237 10.51 11.26 12.39
CA GLU B 237 11.35 12.12 11.55
C GLU B 237 11.17 13.59 11.89
N LYS B 238 9.95 13.99 12.25
CA LYS B 238 9.65 15.38 12.58
C LYS B 238 9.96 15.68 14.06
N PHE B 246 17.73 13.24 9.79
CA PHE B 246 17.32 12.27 10.81
C PHE B 246 17.80 10.86 10.47
N LEU B 247 18.63 10.30 11.35
CA LEU B 247 19.24 9.00 11.14
C LEU B 247 18.44 7.91 11.86
N TRP B 248 18.36 6.75 11.24
CA TRP B 248 17.78 5.57 11.86
C TRP B 248 18.91 4.70 12.38
N PHE B 249 18.81 4.28 13.65
CA PHE B 249 19.86 3.50 14.28
C PHE B 249 19.53 2.02 14.24
N ASN B 250 19.30 1.52 13.03
CA ASN B 250 18.88 0.12 12.84
C ASN B 250 19.74 -0.47 11.71
N THR B 251 19.26 -1.58 11.12
CA THR B 251 20.03 -2.19 10.03
C THR B 251 19.72 -1.53 8.69
N THR B 252 18.47 -1.24 8.43
CA THR B 252 18.06 -0.70 7.15
C THR B 252 18.48 0.74 6.96
N LYS B 253 18.65 1.48 8.05
CA LYS B 253 18.85 2.92 8.03
C LYS B 253 17.66 3.64 7.43
N LYS B 254 16.48 3.03 7.55
CA LYS B 254 15.20 3.59 7.15
C LYS B 254 14.18 3.40 8.28
N LYS B 255 13.10 4.17 8.22
CA LYS B 255 12.06 4.04 9.22
C LYS B 255 11.55 2.59 9.25
N PRO B 256 11.19 2.08 10.42
CA PRO B 256 10.76 0.68 10.50
C PRO B 256 9.48 0.43 9.72
N LEU B 257 9.43 -0.73 9.09
CA LEU B 257 8.18 -1.26 8.56
C LEU B 257 7.26 -1.64 9.70
N VAL B 258 5.99 -1.85 9.37
CA VAL B 258 4.96 -2.16 10.35
C VAL B 258 4.32 -3.46 9.92
N PHE B 259 4.38 -4.46 10.79
CA PHE B 259 3.71 -5.73 10.60
C PHE B 259 2.61 -5.89 11.63
N VAL B 260 1.58 -6.68 11.30
CA VAL B 260 0.60 -7.14 12.28
C VAL B 260 0.74 -8.64 12.47
N LYS B 261 0.64 -9.10 13.70
CA LYS B 261 0.66 -10.52 13.98
C LYS B 261 -0.76 -10.93 14.33
N LEU B 262 -1.25 -11.94 13.62
CA LEU B 262 -2.65 -12.36 13.69
C LEU B 262 -2.82 -13.69 14.41
N ALA B 263 -3.92 -13.81 15.10
CA ALA B 263 -4.31 -15.04 15.79
C ALA B 263 -5.04 -15.96 14.83
N PRO B 264 -4.76 -17.27 14.87
CA PRO B 264 -5.43 -18.21 13.97
C PRO B 264 -6.85 -18.54 14.36
N ASP B 265 -7.35 -18.00 15.47
CA ASP B 265 -8.68 -18.34 15.96
C ASP B 265 -9.67 -17.24 15.58
N LEU B 266 -9.90 -17.13 14.28
CA LEU B 266 -10.80 -16.16 13.69
C LEU B 266 -11.71 -16.90 12.72
N ASN B 267 -12.93 -16.38 12.55
CA ASN B 267 -13.78 -16.97 11.52
C ASN B 267 -13.46 -16.35 10.16
N GLN B 268 -14.06 -16.91 9.11
CA GLN B 268 -13.77 -16.45 7.75
C GLN B 268 -14.19 -15.01 7.53
N GLU B 269 -15.29 -14.57 8.18
CA GLU B 269 -15.74 -13.19 8.01
C GLU B 269 -14.75 -12.21 8.62
N GLN B 270 -14.22 -12.54 9.81
CA GLN B 270 -13.23 -11.68 10.43
C GLN B 270 -11.95 -11.61 9.60
N LYS B 271 -11.52 -12.74 9.04
CA LYS B 271 -10.32 -12.76 8.23
C LYS B 271 -10.47 -11.84 7.02
N LYS B 272 -11.62 -11.90 6.35
CA LYS B 272 -11.83 -11.05 5.18
C LYS B 272 -11.91 -9.58 5.57
N GLU B 273 -12.55 -9.26 6.69
CA GLU B 273 -12.60 -7.86 7.13
C GLU B 273 -11.21 -7.34 7.47
N ILE B 274 -10.38 -8.16 8.11
CA ILE B 274 -9.01 -7.77 8.40
C ILE B 274 -8.25 -7.50 7.11
N ALA B 275 -8.36 -8.41 6.14
CA ALA B 275 -7.66 -8.25 4.88
C ALA B 275 -8.01 -6.91 4.22
N ASP B 276 -9.30 -6.59 4.13
CA ASP B 276 -9.68 -5.30 3.53
C ASP B 276 -8.98 -4.14 4.24
N VAL B 277 -8.85 -4.22 5.59
CA VAL B 277 -8.19 -3.17 6.35
C VAL B 277 -6.69 -3.11 6.04
N LEU B 278 -6.02 -4.27 5.93
CA LEU B 278 -4.59 -4.28 5.65
C LEU B 278 -4.31 -3.69 4.27
N LEU B 279 -5.19 -3.96 3.32
CA LEU B 279 -5.05 -3.36 2.00
C LEU B 279 -5.21 -1.83 2.06
N GLU B 280 -6.21 -1.34 2.79
CA GLU B 280 -6.49 0.10 2.78
C GLU B 280 -5.40 0.90 3.52
N THR B 281 -4.88 0.35 4.61
CA THR B 281 -3.88 1.03 5.44
C THR B 281 -2.44 0.80 4.99
N ASN B 282 -2.21 -0.15 4.07
CA ASN B 282 -0.88 -0.39 3.51
C ASN B 282 0.09 -0.92 4.56
N ILE B 283 -0.36 -1.84 5.40
CA ILE B 283 0.55 -2.60 6.27
C ILE B 283 1.61 -3.27 5.41
N ASP B 284 2.86 -3.33 5.94
CA ASP B 284 3.99 -3.86 5.18
C ASP B 284 4.09 -5.37 5.20
N GLY B 285 3.44 -6.02 6.15
CA GLY B 285 3.50 -7.47 6.26
C GLY B 285 2.53 -7.94 7.33
N MET B 286 2.18 -9.21 7.24
CA MET B 286 1.44 -9.87 8.29
C MET B 286 2.20 -11.12 8.74
N ILE B 287 2.22 -11.31 10.04
CA ILE B 287 2.82 -12.48 10.67
C ILE B 287 1.70 -13.45 10.99
N ILE B 288 1.72 -14.58 10.32
CA ILE B 288 0.68 -15.60 10.42
C ILE B 288 1.40 -16.86 10.88
N SER B 289 1.20 -17.25 12.14
CA SER B 289 0.30 -16.67 13.09
C SER B 289 0.82 -16.90 14.50
N ASN B 290 0.07 -16.40 15.46
CA ASN B 290 0.32 -16.61 16.87
C ASN B 290 -0.18 -18.00 17.29
N THR B 291 -0.11 -18.30 18.59
CA THR B 291 -0.54 -19.57 19.13
C THR B 291 -2.06 -19.73 19.06
N THR B 292 -2.52 -20.97 19.12
CA THR B 292 -3.94 -21.31 19.01
C THR B 292 -4.48 -21.82 20.34
N THR B 293 -5.73 -21.48 20.60
CA THR B 293 -6.47 -21.99 21.76
C THR B 293 -7.40 -23.14 21.41
N GLN B 294 -7.36 -23.62 20.17
CA GLN B 294 -8.34 -24.58 19.68
C GLN B 294 -7.85 -26.02 19.64
N ILE B 295 -6.61 -26.29 20.08
CA ILE B 295 -6.10 -27.65 20.08
C ILE B 295 -6.54 -28.36 21.36
N ASN B 296 -7.02 -29.60 21.21
CA ASN B 296 -7.72 -30.32 22.26
C ASN B 296 -7.17 -31.70 22.58
N ASP B 297 -6.22 -32.22 21.78
CA ASP B 297 -5.89 -33.65 21.81
C ASP B 297 -4.45 -33.92 22.25
N ILE B 298 -3.89 -33.05 23.09
CA ILE B 298 -2.61 -33.30 23.73
C ILE B 298 -2.90 -33.62 25.19
N LYS B 299 -2.75 -34.90 25.56
CA LYS B 299 -3.14 -35.34 26.89
C LYS B 299 -2.44 -34.53 27.98
N SER B 300 -1.13 -34.32 27.83
CA SER B 300 -0.37 -33.64 28.89
C SER B 300 -0.76 -32.17 29.05
N PHE B 301 -1.49 -31.59 28.10
CA PHE B 301 -1.93 -30.20 28.18
C PHE B 301 -3.36 -30.06 28.68
N GLU B 302 -4.03 -31.17 29.01
CA GLU B 302 -5.45 -31.10 29.37
C GLU B 302 -5.69 -30.25 30.60
N ASN B 303 -4.76 -30.24 31.54
CA ASN B 303 -4.89 -29.42 32.74
C ASN B 303 -4.38 -27.99 32.56
N LYS B 304 -3.68 -27.69 31.47
CA LYS B 304 -2.93 -26.45 31.34
C LYS B 304 -3.71 -25.38 30.57
N LYS B 305 -3.39 -24.12 30.86
CA LYS B 305 -4.02 -22.98 30.19
C LYS B 305 -3.04 -22.32 29.23
N GLY B 306 -3.57 -21.65 28.21
CA GLY B 306 -2.77 -20.80 27.34
C GLY B 306 -2.86 -21.23 25.88
N GLY B 307 -1.94 -20.70 25.09
CA GLY B 307 -1.90 -20.99 23.67
C GLY B 307 -0.90 -22.08 23.31
N VAL B 308 -1.20 -22.80 22.24
CA VAL B 308 -0.40 -23.94 21.84
C VAL B 308 0.44 -23.55 20.62
N SER B 309 1.70 -23.96 20.65
CA SER B 309 2.69 -23.79 19.60
C SER B 309 3.18 -25.17 19.13
N GLY B 310 3.92 -25.17 18.03
CA GLY B 310 4.61 -26.38 17.61
C GLY B 310 3.89 -27.12 16.50
N ALA B 311 4.18 -28.43 16.43
CA ALA B 311 3.80 -29.21 15.25
C ALA B 311 2.28 -29.28 15.08
N LYS B 312 1.52 -29.27 16.18
CA LYS B 312 0.07 -29.34 16.03
C LYS B 312 -0.54 -28.02 15.57
N LEU B 313 0.26 -26.96 15.44
CA LEU B 313 -0.19 -25.70 14.88
C LEU B 313 0.10 -25.60 13.39
N LYS B 314 0.91 -26.51 12.83
CA LYS B 314 1.45 -26.27 11.49
C LYS B 314 0.34 -26.17 10.45
N ASP B 315 -0.56 -27.17 10.43
CA ASP B 315 -1.58 -27.20 9.38
C ASP B 315 -2.55 -26.04 9.51
N ILE B 316 -2.98 -25.73 10.73
CA ILE B 316 -3.86 -24.58 10.95
C ILE B 316 -3.21 -23.31 10.38
N SER B 317 -1.97 -23.05 10.75
CA SER B 317 -1.35 -21.80 10.35
C SER B 317 -1.04 -21.75 8.86
N THR B 318 -0.65 -22.88 8.25
CA THR B 318 -0.44 -22.87 6.81
C THR B 318 -1.73 -22.57 6.06
N LYS B 319 -2.84 -23.19 6.47
CA LYS B 319 -4.12 -22.89 5.83
C LYS B 319 -4.47 -21.41 5.96
N PHE B 320 -4.19 -20.84 7.14
CA PHE B 320 -4.43 -19.41 7.39
C PHE B 320 -3.58 -18.55 6.43
N ILE B 321 -2.34 -18.95 6.19
CA ILE B 321 -1.52 -18.27 5.20
C ILE B 321 -2.21 -18.29 3.83
N CYS B 322 -2.67 -19.47 3.42
CA CYS B 322 -3.32 -19.57 2.13
C CYS B 322 -4.54 -18.66 2.04
N GLU B 323 -5.31 -18.59 3.13
CA GLU B 323 -6.52 -17.77 3.12
C GLU B 323 -6.20 -16.30 3.02
N MET B 324 -5.24 -15.81 3.82
CA MET B 324 -4.95 -14.38 3.85
C MET B 324 -4.19 -13.94 2.60
N TYR B 325 -3.33 -14.80 2.06
CA TYR B 325 -2.70 -14.53 0.78
C TYR B 325 -3.75 -14.26 -0.28
N ASN B 326 -4.84 -15.02 -0.27
CA ASN B 326 -5.91 -14.81 -1.23
C ASN B 326 -6.82 -13.64 -0.87
N TYR B 327 -7.18 -13.49 0.42
CA TYR B 327 -8.05 -12.38 0.80
C TYR B 327 -7.38 -11.01 0.57
N THR B 328 -6.07 -10.94 0.68
CA THR B 328 -5.35 -9.71 0.37
C THR B 328 -4.88 -9.67 -1.08
N ASN B 329 -5.31 -10.61 -1.93
CA ASN B 329 -4.98 -10.56 -3.36
C ASN B 329 -3.48 -10.49 -3.58
N LYS B 330 -2.72 -11.19 -2.71
CA LYS B 330 -1.28 -11.36 -2.80
C LYS B 330 -0.51 -10.05 -2.66
N GLN B 331 -1.12 -9.00 -2.14
CA GLN B 331 -0.48 -7.68 -2.06
C GLN B 331 0.25 -7.42 -0.75
N ILE B 332 0.12 -8.30 0.24
CA ILE B 332 0.69 -8.07 1.56
C ILE B 332 1.67 -9.20 1.91
N PRO B 333 2.98 -8.90 2.00
CA PRO B 333 3.93 -9.96 2.34
C PRO B 333 3.59 -10.66 3.64
N ILE B 334 3.97 -11.93 3.72
CA ILE B 334 3.64 -12.79 4.86
C ILE B 334 4.90 -13.34 5.50
N ILE B 335 4.97 -13.21 6.82
CA ILE B 335 5.95 -13.85 7.67
C ILE B 335 5.27 -15.08 8.29
N ALA B 336 5.77 -16.26 8.04
CA ALA B 336 5.15 -17.48 8.54
C ALA B 336 5.69 -17.85 9.94
N SER B 337 4.76 -18.22 10.82
CA SER B 337 5.05 -18.69 12.18
C SER B 337 4.04 -19.80 12.49
N GLY B 338 4.54 -20.94 12.96
CA GLY B 338 3.65 -22.05 13.31
C GLY B 338 4.10 -23.41 12.82
N GLY B 339 4.77 -24.14 13.71
CA GLY B 339 5.13 -25.54 13.48
C GLY B 339 6.15 -25.80 12.40
N ILE B 340 7.06 -24.86 12.14
CA ILE B 340 8.13 -25.05 11.17
C ILE B 340 9.29 -25.76 11.84
N PHE B 341 9.58 -26.98 11.40
CA PHE B 341 10.66 -27.80 11.96
C PHE B 341 11.70 -28.26 10.94
N SER B 342 11.33 -28.37 9.67
CA SER B 342 12.15 -28.97 8.63
C SER B 342 12.14 -28.08 7.39
N GLY B 343 13.06 -28.36 6.47
CA GLY B 343 13.04 -27.66 5.20
C GLY B 343 11.74 -27.85 4.45
N LEU B 344 11.19 -29.06 4.52
CA LEU B 344 9.89 -29.34 3.92
C LEU B 344 8.82 -28.41 4.47
N ASP B 345 8.74 -28.31 5.81
CA ASP B 345 7.77 -27.40 6.43
C ASP B 345 7.95 -25.96 5.95
N ALA B 346 9.19 -25.50 5.84
CA ALA B 346 9.46 -24.15 5.44
C ALA B 346 8.99 -23.89 4.02
N LEU B 347 9.32 -24.80 3.10
CA LEU B 347 8.91 -24.64 1.71
C LEU B 347 7.39 -24.66 1.58
N GLU B 348 6.71 -25.45 2.41
CA GLU B 348 5.26 -25.45 2.42
C GLU B 348 4.72 -24.07 2.79
N LYS B 349 5.29 -23.43 3.83
CA LYS B 349 4.86 -22.08 4.16
C LYS B 349 5.12 -21.12 3.00
N ILE B 350 6.29 -21.25 2.37
CA ILE B 350 6.68 -20.34 1.30
C ILE B 350 5.77 -20.52 0.09
N GLU B 351 5.57 -21.76 -0.33
CA GLU B 351 4.68 -22.02 -1.47
C GLU B 351 3.25 -21.59 -1.16
N ALA B 352 2.86 -21.60 0.12
CA ALA B 352 1.52 -21.13 0.50
C ALA B 352 1.38 -19.62 0.41
N GLY B 353 2.50 -18.89 0.40
CA GLY B 353 2.50 -17.46 0.23
C GLY B 353 3.49 -16.68 1.10
N ALA B 354 4.19 -17.36 2.01
CA ALA B 354 5.13 -16.66 2.89
C ALA B 354 6.41 -16.28 2.16
N SER B 355 7.00 -15.14 2.57
CA SER B 355 8.32 -14.75 2.07
C SER B 355 9.45 -15.13 3.01
N VAL B 356 9.14 -15.37 4.27
CA VAL B 356 10.15 -15.61 5.29
C VAL B 356 9.49 -16.41 6.42
N CYS B 357 10.31 -17.10 7.22
CA CYS B 357 9.84 -18.01 8.26
C CYS B 357 10.41 -17.61 9.61
N GLN B 358 9.61 -17.78 10.65
CA GLN B 358 10.06 -17.60 12.02
C GLN B 358 9.98 -18.91 12.77
N LEU B 359 10.97 -19.19 13.63
CA LEU B 359 10.97 -20.39 14.41
C LEU B 359 10.91 -20.05 15.90
N TYR B 360 10.23 -20.90 16.66
CA TYR B 360 10.30 -20.93 18.14
C TYR B 360 10.42 -22.38 18.59
N SER B 361 9.35 -23.16 18.43
CA SER B 361 9.34 -24.53 18.89
C SER B 361 10.48 -25.34 18.27
N CYS B 362 10.86 -25.06 17.03
CA CYS B 362 12.00 -25.76 16.45
C CYS B 362 13.27 -25.56 17.28
N LEU B 363 13.53 -24.33 17.74
CA LEU B 363 14.70 -24.12 18.59
C LEU B 363 14.59 -24.89 19.89
N VAL B 364 13.38 -24.98 20.46
CA VAL B 364 13.20 -25.66 21.73
C VAL B 364 13.50 -27.16 21.60
N PHE B 365 13.02 -27.77 20.53
CA PHE B 365 13.11 -29.20 20.38
C PHE B 365 14.34 -29.66 19.59
N ASN B 366 14.90 -28.82 18.73
CA ASN B 366 16.09 -29.18 17.98
C ASN B 366 17.36 -28.52 18.51
N GLY B 367 17.26 -27.38 19.18
CA GLY B 367 18.40 -26.85 19.90
C GLY B 367 19.37 -26.07 19.03
N MET B 368 20.63 -26.10 19.43
CA MET B 368 21.63 -25.22 18.84
C MET B 368 21.75 -25.41 17.33
N LYS B 369 21.50 -26.63 16.84
CA LYS B 369 21.65 -26.95 15.42
C LYS B 369 20.48 -26.46 14.55
N SER B 370 19.47 -25.84 15.14
CA SER B 370 18.20 -25.59 14.46
C SER B 370 18.38 -24.87 13.14
N ALA B 371 19.12 -23.74 13.15
CA ALA B 371 19.27 -22.96 11.92
C ALA B 371 20.15 -23.66 10.89
N VAL B 372 21.30 -24.18 11.31
CA VAL B 372 22.20 -24.89 10.37
C VAL B 372 21.43 -25.99 9.65
N GLN B 373 20.70 -26.79 10.41
CA GLN B 373 19.98 -27.93 9.88
C GLN B 373 18.90 -27.52 8.89
N ILE B 374 18.05 -26.59 9.28
CA ILE B 374 16.90 -26.23 8.46
C ILE B 374 17.35 -25.50 7.22
N LYS B 375 18.43 -24.71 7.29
CA LYS B 375 18.95 -24.04 6.11
C LYS B 375 19.46 -25.05 5.09
N ARG B 376 20.17 -26.07 5.56
CA ARG B 376 20.69 -27.11 4.68
C ARG B 376 19.54 -27.87 4.02
N GLU B 377 18.50 -28.20 4.80
CA GLU B 377 17.39 -28.96 4.25
C GLU B 377 16.67 -28.15 3.18
N LEU B 378 16.45 -26.85 3.43
CA LEU B 378 15.75 -26.01 2.44
C LEU B 378 16.55 -25.88 1.15
N ASN B 379 17.86 -25.63 1.26
CA ASN B 379 18.68 -25.55 0.03
C ASN B 379 18.59 -26.84 -0.77
N HIS B 380 18.71 -28.00 -0.12
CA HIS B 380 18.62 -29.26 -0.84
C HIS B 380 17.26 -29.38 -1.52
N LEU B 381 16.20 -28.90 -0.87
CA LEU B 381 14.86 -29.03 -1.40
C LEU B 381 14.65 -28.10 -2.59
N LEU B 382 15.22 -26.90 -2.53
CA LEU B 382 15.14 -26.03 -3.70
C LEU B 382 15.86 -26.64 -4.90
N TYR B 383 16.98 -27.32 -4.65
CA TYR B 383 17.65 -28.11 -5.70
C TYR B 383 16.72 -29.18 -6.25
N GLN B 384 16.13 -29.98 -5.37
CA GLN B 384 15.32 -31.11 -5.81
C GLN B 384 14.11 -30.66 -6.61
N ARG B 385 13.42 -29.62 -6.16
CA ARG B 385 12.19 -29.19 -6.81
C ARG B 385 12.45 -28.33 -8.04
N GLY B 386 13.69 -27.93 -8.30
CA GLY B 386 14.02 -27.25 -9.54
C GLY B 386 13.93 -25.74 -9.51
N TYR B 387 13.68 -25.15 -8.35
CA TYR B 387 13.67 -23.70 -8.22
C TYR B 387 15.06 -23.12 -8.43
N TYR B 388 15.13 -22.02 -9.17
CA TYR B 388 16.40 -21.30 -9.27
C TYR B 388 16.73 -20.59 -7.97
N ASN B 389 15.73 -20.01 -7.29
CA ASN B 389 15.94 -19.39 -5.99
C ASN B 389 14.64 -19.44 -5.20
N LEU B 390 14.73 -19.06 -3.92
CA LEU B 390 13.59 -19.17 -3.03
C LEU B 390 12.47 -18.22 -3.46
N LYS B 391 12.81 -17.03 -3.95
CA LYS B 391 11.78 -16.07 -4.33
C LYS B 391 10.84 -16.65 -5.39
N GLU B 392 11.38 -17.48 -6.30
CA GLU B 392 10.56 -18.12 -7.34
C GLU B 392 9.47 -19.00 -6.73
N ALA B 393 9.69 -19.51 -5.51
CA ALA B 393 8.74 -20.42 -4.87
C ALA B 393 7.62 -19.72 -4.13
N ILE B 394 7.73 -18.42 -3.88
CA ILE B 394 6.75 -17.73 -3.02
C ILE B 394 5.37 -17.77 -3.63
N GLY B 395 4.43 -18.40 -2.92
CA GLY B 395 3.05 -18.49 -3.37
C GLY B 395 2.78 -19.43 -4.52
N ARG B 396 3.69 -20.34 -4.84
CA ARG B 396 3.52 -21.14 -6.05
C ARG B 396 2.38 -22.16 -5.94
N LYS B 397 1.91 -22.47 -4.73
CA LYS B 397 0.72 -23.30 -4.61
C LYS B 397 -0.51 -22.62 -5.21
N HIS B 398 -0.49 -21.30 -5.35
CA HIS B 398 -1.61 -20.53 -5.90
C HIS B 398 -1.35 -20.16 -7.37
C29 XC7 C . -16.57 25.83 -2.13
C24 XC7 C . -17.86 25.87 1.33
C22 XC7 C . -15.89 24.67 0.28
C21 XC7 C . -15.12 24.39 -0.85
C23 XC7 C . -16.98 25.53 0.12
C20 XC7 C . -15.48 24.97 -2.08
C18 XC7 C . -14.77 25.71 -4.58
C16 XC7 C . -13.40 23.95 -3.17
C15 XC7 C . -13.24 22.60 -3.40
O13 XC7 C . -9.24 24.49 -2.10
N10 XC7 C . -7.27 18.51 -2.90
C11 XC7 C . -7.15 18.68 -1.59
C01 XC7 C . -11.86 25.97 -2.55
C02 XC7 C . -12.18 24.49 -2.87
C03 XC7 C . -11.28 23.45 -2.83
C04 XC7 C . -9.78 23.53 -2.53
C06 XC7 C . -7.60 22.15 -2.67
C07 XC7 C . -6.87 22.78 -3.87
C08 XC7 C . -7.42 20.62 -2.49
C17 XC7 C . -14.70 24.73 -3.40
C19 XC7 C . -15.72 24.50 -4.53
F25 XC7 C . -17.23 25.45 2.44
F26 XC7 C . -19.08 25.28 1.21
F27 XC7 C . -18.05 27.22 1.38
N05 XC7 C . -9.04 22.31 -2.85
N09 XC7 C . -7.44 19.70 -3.48
N12 XC7 C . -7.24 19.99 -1.32
N14 XC7 C . -11.94 22.33 -3.17
N28 XC7 C . -17.30 26.07 -1.05
H291 XC7 C . -16.80 26.24 -2.93
H221 XC7 C . -15.70 24.31 1.12
H211 XC7 C . -14.38 23.83 -0.79
H181 XC7 C . -15.17 26.56 -4.39
H182 XC7 C . -14.04 25.64 -5.23
H151 XC7 C . -13.90 22.00 -3.64
H101 XC7 C . -7.24 17.76 -3.31
H111 XC7 C . -7.03 18.00 -0.97
H013 XC7 C . -12.33 26.54 -3.18
H011 XC7 C . -12.15 26.17 -1.65
H012 XC7 C . -10.90 26.12 -2.63
H061 XC7 C . -7.23 22.62 -1.90
H073 XC7 C . -5.92 22.61 -3.80
H071 XC7 C . -7.02 23.75 -3.88
H072 XC7 C . -7.21 22.40 -4.69
H192 XC7 C . -16.64 24.70 -4.31
H191 XC7 C . -15.51 23.78 -5.13
H051 XC7 C . -9.49 21.64 -3.17
H141 XC7 C . -11.58 21.55 -3.24
N1 FMN D . -3.63 14.37 -11.73
C2 FMN D . -3.65 13.00 -11.84
O2 FMN D . -3.54 12.43 -12.96
N3 FMN D . -3.82 12.23 -10.74
C4 FMN D . -3.97 12.78 -9.50
O4 FMN D . -4.12 12.02 -8.53
C4A FMN D . -3.92 14.15 -9.37
N5 FMN D . -4.04 14.74 -8.11
C5A FMN D . -4.07 16.11 -8.00
C6 FMN D . -4.20 16.71 -6.74
C7 FMN D . -4.19 18.11 -6.64
C7M FMN D . -4.34 18.71 -5.27
C8 FMN D . -4.03 18.90 -7.76
C8M FMN D . -4.01 20.41 -7.73
C9 FMN D . -3.89 18.29 -9.02
C9A FMN D . -3.90 16.92 -9.13
N10 FMN D . -3.76 16.34 -10.38
C10 FMN D . -3.77 14.94 -10.49
C1' FMN D . -3.57 17.17 -11.63
C2' FMN D . -4.89 17.60 -12.21
O2' FMN D . -5.62 16.48 -12.59
C3' FMN D . -4.69 18.52 -13.39
O3' FMN D . -4.06 17.83 -14.44
C4' FMN D . -3.81 19.76 -13.08
O4' FMN D . -4.20 20.33 -11.86
C5' FMN D . -3.86 20.82 -14.17
O5' FMN D . -5.17 21.31 -14.44
P FMN D . -5.69 22.72 -13.78
O1P FMN D . -5.70 22.59 -12.28
O2P FMN D . -7.04 22.92 -14.31
O3P FMN D . -4.65 23.76 -14.21
HN3 FMN D . -3.85 11.20 -10.84
H6 FMN D . -4.30 16.09 -5.86
HM71 FMN D . -4.58 19.77 -5.35
HM72 FMN D . -5.14 18.20 -4.73
HM73 FMN D . -3.40 18.59 -4.71
HM81 FMN D . -3.90 20.80 -8.73
HM82 FMN D . -4.94 20.77 -7.29
HM83 FMN D . -3.17 20.74 -7.11
H9 FMN D . -3.79 18.91 -9.90
H1'1 FMN D . -3.04 16.58 -12.37
H1'2 FMN D . -2.97 18.04 -11.40
H2' FMN D . -5.43 18.16 -11.43
HO2' FMN D . -5.71 16.47 -13.57
H3' FMN D . -5.70 18.86 -13.66
H4' FMN D . -2.79 19.39 -13.01
HO4' FMN D . -4.51 21.24 -12.01
H5'1 FMN D . -3.46 20.40 -15.08
H5'2 FMN D . -3.23 21.65 -13.87
N1 ORO E . -0.28 15.45 -7.89
C2 ORO E . -0.25 15.95 -9.17
O2 ORO E . -0.10 17.11 -9.38
N3 ORO E . -0.45 15.11 -10.20
C4 ORO E . -0.61 13.81 -10.01
O4 ORO E . -0.72 13.07 -10.97
C5 ORO E . -0.61 13.30 -8.75
C6 ORO E . -0.45 14.16 -7.71
C7 ORO E . -0.41 13.68 -6.29
O71 ORO E . -1.18 12.78 -5.80
O72 ORO E . 0.51 14.21 -5.62
HN1 ORO E . -0.18 15.98 -7.22
HN3 ORO E . -0.49 15.43 -11.00
H5 ORO E . -0.72 12.39 -8.61
MG MG F . -6.92 -2.17 -2.20
C29 XC7 G . 19.56 -26.27 25.00
C24 XC7 G . 21.60 -26.43 28.09
C22 XC7 G . 19.48 -25.21 27.54
C21 XC7 G . 18.45 -24.87 26.63
C23 XC7 G . 20.47 -26.07 27.11
C20 XC7 G . 18.50 -25.40 25.34
C18 XC7 G . 17.23 -25.89 23.00
C16 XC7 G . 16.22 -24.36 24.88
C15 XC7 G . 16.01 -23.01 24.85
O13 XC7 G . 12.43 -25.19 26.83
N10 XC7 G . 10.15 -19.35 27.33
C11 XC7 G . 10.34 -19.70 28.60
C01 XC7 G . 14.93 -26.47 25.62
C02 XC7 G . 15.13 -24.98 25.40
C03 XC7 G . 14.25 -23.98 25.77
C04 XC7 G . 12.87 -24.16 26.41
C06 XC7 G . 10.71 -22.92 26.95
C07 XC7 G . 9.74 -23.45 25.89
C08 XC7 G . 10.51 -21.47 27.36
C17 XC7 G . 17.41 -25.09 24.28
C19 XC7 G . 18.14 -24.66 22.98
F25 XC7 G . 21.16 -26.26 29.37
F26 XC7 G . 22.68 -25.65 27.84
F27 XC7 G . 21.93 -27.73 27.87
N05 XC7 G . 12.08 -22.96 26.43
N09 XC7 G . 10.27 -20.44 26.55
N12 XC7 G . 10.57 -21.02 28.63
N14 XC7 G . 14.80 -22.81 25.40
N28 XC7 G . 20.50 -26.58 25.88
H291 XC7 G . 19.59 -26.64 24.15
H221 XC7 G . 19.49 -24.85 28.40
H211 XC7 G . 17.76 -24.31 26.89
H181 XC7 G . 17.69 -26.74 22.97
H182 XC7 G . 16.38 -25.79 22.55
H151 XC7 G . 16.59 -22.35 24.53
H101 XC7 G . 9.98 -18.56 27.06
H111 XC7 G . 10.33 -19.12 29.33
H013 XC7 G . 13.98 -26.66 25.68
H011 XC7 G . 15.37 -26.74 26.44
H012 XC7 G . 15.30 -26.96 24.87
H061 XC7 G . 10.55 -23.51 27.72
H073 XC7 G . 9.84 -22.93 25.08
H071 XC7 G . 8.83 -23.38 26.20
H072 XC7 G . 9.95 -24.39 25.70
H192 XC7 G . 17.78 -23.88 22.54
H191 XC7 G . 19.09 -24.84 22.96
H051 XC7 G . 12.43 -22.23 26.13
H141 XC7 G . 14.42 -22.04 25.49
N1 FMN H . 4.38 -14.21 20.21
C2 FMN H . 4.37 -12.85 20.28
O2 FMN H . 3.96 -12.18 19.33
N3 FMN H . 4.81 -12.22 21.43
C4 FMN H . 5.27 -12.92 22.49
O4 FMN H . 5.65 -12.29 23.50
C4A FMN H . 5.28 -14.31 22.43
N5 FMN H . 5.72 -15.03 23.51
C5A FMN H . 5.76 -16.41 23.44
C6 FMN H . 6.22 -17.14 24.54
C7 FMN H . 6.29 -18.52 24.48
C7M FMN H . 6.78 -19.30 25.67
C8 FMN H . 5.87 -19.19 23.33
C8M FMN H . 5.90 -20.69 23.20
C9 FMN H . 5.41 -18.46 22.24
C9A FMN H . 5.37 -17.07 22.28
N10 FMN H . 4.89 -16.33 21.19
C10 FMN H . 4.86 -14.95 21.28
C1' FMN H . 4.42 -16.99 19.92
C2' FMN H . 5.57 -17.36 19.00
O2' FMN H . 6.32 -16.19 18.64
C3' FMN H . 5.11 -18.13 17.77
O3' FMN H . 4.23 -17.34 17.01
C4' FMN H . 4.39 -19.45 18.14
O4' FMN H . 5.10 -20.10 19.17
C5' FMN H . 4.19 -20.39 16.95
O5' FMN H . 5.41 -20.71 16.34
P FMN H . 6.12 -22.14 16.59
O1P FMN H . 6.47 -22.26 18.07
O2P FMN H . 7.29 -22.22 15.71
O3P FMN H . 5.02 -23.15 16.27
HN3 FMN H . 4.78 -11.18 21.48
H6 FMN H . 6.51 -16.62 25.45
HM71 FMN H . 7.11 -20.29 25.36
HM72 FMN H . 5.98 -19.40 26.40
HM73 FMN H . 7.61 -18.77 26.14
HM81 FMN H . 5.49 -20.99 22.23
HM82 FMN H . 6.93 -21.05 23.28
HM83 FMN H . 5.29 -21.14 23.99
H9 FMN H . 5.08 -18.98 21.34
H1'1 FMN H . 3.75 -16.31 19.39
H1'2 FMN H . 3.86 -17.89 20.17
H2' FMN H . 6.24 -18.01 19.56
HO2' FMN H . 6.26 -16.05 17.67
H3' FMN H . 6.01 -18.38 17.19
H4' FMN H . 3.40 -19.19 18.50
HO4' FMN H . 5.42 -20.98 18.85
H5'1 FMN H . 3.70 -21.31 17.28
H5'2 FMN H . 3.54 -19.91 16.22
N1 ORO I . 2.07 -15.99 24.60
C2 ORO I . 1.79 -16.31 23.30
O2 ORO I . 1.61 -17.44 22.98
N3 ORO I . 1.75 -15.33 22.36
C4 ORO I . 1.92 -14.05 22.69
O4 ORO I . 1.84 -13.20 21.84
C5 ORO I . 2.20 -13.74 23.99
C6 ORO I . 2.28 -14.72 24.92
C7 ORO I . 2.55 -14.40 26.40
O71 ORO I . 1.83 -14.98 27.22
O72 ORO I . 3.44 -13.60 26.78
HN1 ORO I . 2.10 -16.60 25.21
HN3 ORO I . 1.60 -15.54 21.53
H5 ORO I . 2.33 -12.85 24.23
#